data_5ZUM
#
_entry.id   5ZUM
#
_cell.length_a   58.141
_cell.length_b   77.850
_cell.length_c   228.294
_cell.angle_alpha   90.00
_cell.angle_beta   90.00
_cell.angle_gamma   90.00
#
_symmetry.space_group_name_H-M   'P 21 21 21'
#
loop_
_entity.id
_entity.type
_entity.pdbx_description
1 polymer 'dipeptidyl-peptidase III'
2 non-polymer 'ZINC ION'
3 water water
#
_entity_poly.entity_id   1
_entity_poly.type   'polypeptide(L)'
_entity_poly.pdbx_seq_one_letter_code
;RLPDAPTLKR(MSE)TARFAPVDVKVDVSKLPDAEKRALAKILQAAKI(MSE)DPLFLSQAWAGNPTLLLDLVEDTTPLG
KERLHAFLLNKGPWSRLDEAKPFIPGVPPKPDEGNFYPAGATKAEVEAWVKSLPEAQQHAATGFFTTVRKGPDGKFLTVP
YSVEYQGELG(MSE)AAKLLREAAALTQQSTLKRFLETRAEAFLSNDYYASEVAW(MSE)ELDASVEPTIGPYEVYEDGW
FNYKAAFEAFIGVRDEAETQKLAKFSAELQELENNLPIEPALRNPKLGALAPIRVINSLYSSGDGNRGVQTAAYNLPNDE
RVAAEKGTKRV(MSE)LKNIQEAKFQRVLVPIAKVALPAKDRKDVSFDAFFTHIL(MSE)HEL(MSE)HGLGPHNVTVAG
KQTTVRQALQASSSAIEEAKADISGLWALQRLVDKGTLDKELQRT(MSE)YTTFLASAFRSIRFGIDEAHGKGIALQLNH
FLDTGAVKVNADGTFEVVPDK(MSE)QASVTSLTNQL(MSE)SLQAKGDRAAAEELLAKQGVVRPSVQKVLEKLKNVPVD
IEPRYVTAESLVKDFGA
;
_entity_poly.pdbx_strand_id   A,B
#
# COMPACT_ATOMS: atom_id res chain seq x y z
N ARG A 1 10.65 -26.83 6.29
CA ARG A 1 9.23 -27.17 6.58
C ARG A 1 8.24 -26.46 5.65
N LEU A 2 8.71 -25.65 4.69
CA LEU A 2 7.82 -24.95 3.76
C LEU A 2 7.49 -25.83 2.56
N PRO A 3 6.36 -25.56 1.87
CA PRO A 3 6.04 -26.45 0.76
C PRO A 3 6.77 -26.09 -0.50
N ASP A 4 7.14 -27.14 -1.23
CA ASP A 4 7.74 -26.97 -2.55
C ASP A 4 6.66 -26.75 -3.59
N ALA A 5 7.06 -26.46 -4.82
CA ALA A 5 6.12 -25.95 -5.84
C ALA A 5 4.90 -26.82 -6.06
N PRO A 6 5.12 -28.15 -6.16
CA PRO A 6 3.98 -29.02 -6.40
C PRO A 6 3.07 -29.19 -5.18
N THR A 7 3.69 -29.25 -4.01
CA THR A 7 2.97 -29.29 -2.79
C THR A 7 2.10 -28.01 -2.60
N LEU A 8 2.64 -26.85 -2.95
CA LEU A 8 1.91 -25.61 -2.78
C LEU A 8 0.80 -25.49 -3.81
N LYS A 9 1.05 -26.00 -5.02
CA LYS A 9 0.03 -26.07 -6.07
C LYS A 9 -1.16 -26.94 -5.67
N ARG A 10 -0.87 -28.07 -5.06
CA ARG A 10 -1.89 -28.97 -4.55
C ARG A 10 -2.69 -28.25 -3.44
N THR A 12 -3.27 -25.02 -2.92
CA THR A 12 -4.13 -24.07 -3.60
C THR A 12 -5.29 -24.74 -4.38
N ALA A 13 -5.08 -25.97 -4.82
CA ALA A 13 -6.10 -26.69 -5.59
C ALA A 13 -7.28 -27.15 -4.73
N ARG A 14 -7.18 -26.98 -3.41
CA ARG A 14 -8.28 -27.30 -2.53
C ARG A 14 -9.42 -26.27 -2.73
N PHE A 15 -9.06 -25.14 -3.31
CA PHE A 15 -10.03 -24.21 -3.86
C PHE A 15 -10.23 -24.53 -5.33
N ALA A 16 -11.30 -25.27 -5.60
CA ALA A 16 -11.65 -25.65 -6.97
C ALA A 16 -11.93 -24.43 -7.84
N PRO A 17 -11.17 -24.29 -8.94
CA PRO A 17 -11.40 -23.15 -9.82
C PRO A 17 -12.78 -23.25 -10.48
N VAL A 18 -13.53 -22.16 -10.42
CA VAL A 18 -14.88 -22.06 -10.96
C VAL A 18 -14.91 -20.80 -11.82
N ASP A 19 -15.24 -20.94 -13.09
CA ASP A 19 -15.53 -19.79 -13.91
C ASP A 19 -16.88 -19.22 -13.48
N VAL A 20 -16.90 -17.95 -13.11
CA VAL A 20 -18.12 -17.35 -12.57
C VAL A 20 -18.66 -16.41 -13.61
N LYS A 21 -19.66 -16.91 -14.33
CA LYS A 21 -20.16 -16.23 -15.50
C LYS A 21 -21.58 -15.77 -15.19
N VAL A 22 -21.87 -14.50 -15.43
CA VAL A 22 -23.19 -13.98 -15.11
C VAL A 22 -23.82 -13.35 -16.32
N ASP A 23 -25.08 -13.72 -16.53
CA ASP A 23 -25.83 -13.26 -17.69
C ASP A 23 -26.25 -11.81 -17.49
N VAL A 24 -25.66 -10.90 -18.27
CA VAL A 24 -25.95 -9.46 -18.20
C VAL A 24 -26.64 -8.97 -19.48
N SER A 25 -27.15 -9.91 -20.27
CA SER A 25 -27.76 -9.59 -21.57
C SER A 25 -29.02 -8.76 -21.41
N LYS A 26 -29.72 -8.87 -20.28
CA LYS A 26 -30.91 -8.05 -20.06
C LYS A 26 -30.64 -6.70 -19.42
N LEU A 27 -29.39 -6.39 -19.10
CA LEU A 27 -29.07 -5.05 -18.66
C LEU A 27 -28.97 -4.07 -19.81
N PRO A 28 -29.64 -2.92 -19.70
CA PRO A 28 -29.36 -1.90 -20.70
C PRO A 28 -27.90 -1.47 -20.71
N ASP A 29 -27.44 -0.99 -21.87
CA ASP A 29 -26.08 -0.49 -22.05
C ASP A 29 -25.60 0.42 -20.93
N ALA A 30 -26.39 1.43 -20.56
CA ALA A 30 -25.97 2.38 -19.55
C ALA A 30 -25.72 1.68 -18.19
N GLU A 31 -26.44 0.57 -17.94
CA GLU A 31 -26.29 -0.14 -16.67
C GLU A 31 -25.02 -0.98 -16.68
N LYS A 32 -24.69 -1.56 -17.84
CA LYS A 32 -23.41 -2.22 -18.06
C LYS A 32 -22.27 -1.24 -17.86
N ARG A 33 -22.42 -0.02 -18.37
CA ARG A 33 -21.37 0.99 -18.22
C ARG A 33 -21.18 1.42 -16.77
N ALA A 34 -22.28 1.63 -16.05
CA ALA A 34 -22.18 1.89 -14.61
C ALA A 34 -21.58 0.70 -13.88
N LEU A 35 -21.95 -0.52 -14.26
CA LEU A 35 -21.39 -1.71 -13.65
C LEU A 35 -19.86 -1.75 -13.78
N ALA A 36 -19.34 -1.41 -14.95
CA ALA A 36 -17.88 -1.31 -15.12
C ALA A 36 -17.16 -0.35 -14.17
N LYS A 37 -17.72 0.84 -14.02
CA LYS A 37 -17.19 1.81 -13.11
C LYS A 37 -17.28 1.28 -11.68
N ILE A 38 -18.39 0.62 -11.35
CA ILE A 38 -18.53 0.05 -10.00
C ILE A 38 -17.44 -1.00 -9.84
N LEU A 39 -17.21 -1.81 -10.86
CA LEU A 39 -16.20 -2.87 -10.77
C LEU A 39 -14.80 -2.31 -10.63
N GLN A 40 -14.55 -1.16 -11.27
CA GLN A 40 -13.29 -0.45 -11.06
C GLN A 40 -13.06 0.04 -9.63
N ALA A 41 -14.12 0.56 -9.03
CA ALA A 41 -14.06 0.93 -7.62
C ALA A 41 -13.84 -0.29 -6.77
N ALA A 42 -14.56 -1.37 -7.05
CA ALA A 42 -14.45 -2.62 -6.25
C ALA A 42 -13.03 -3.20 -6.23
N LYS A 43 -12.35 -3.14 -7.36
CA LYS A 43 -10.96 -3.64 -7.47
C LYS A 43 -10.06 -2.95 -6.46
N ILE A 44 -10.38 -1.70 -6.13
CA ILE A 44 -9.58 -0.98 -5.17
C ILE A 44 -9.56 -1.63 -3.77
N ASP A 46 -9.12 -4.68 -3.04
CA ASP A 46 -8.08 -5.72 -2.97
C ASP A 46 -6.79 -5.21 -2.32
N PRO A 47 -6.15 -4.17 -2.90
CA PRO A 47 -4.98 -3.63 -2.22
C PRO A 47 -5.28 -2.97 -0.90
N LEU A 48 -6.47 -2.40 -0.73
CA LEU A 48 -6.84 -1.87 0.57
C LEU A 48 -6.83 -2.99 1.63
N PHE A 49 -7.52 -4.08 1.35
CA PHE A 49 -7.57 -5.20 2.29
C PHE A 49 -6.18 -5.83 2.49
N LEU A 50 -5.43 -6.03 1.40
CA LEU A 50 -4.04 -6.54 1.58
C LEU A 50 -3.26 -5.75 2.63
N SER A 51 -3.38 -4.43 2.62
CA SER A 51 -2.64 -3.58 3.54
C SER A 51 -3.20 -3.64 4.94
N GLN A 52 -4.51 -3.81 5.03
CA GLN A 52 -5.13 -4.00 6.32
C GLN A 52 -4.70 -5.28 7.01
N ALA A 53 -4.53 -6.36 6.25
CA ALA A 53 -4.22 -7.67 6.81
C ALA A 53 -2.81 -7.70 7.36
N TRP A 54 -1.86 -7.08 6.66
CA TRP A 54 -0.47 -7.08 7.13
C TRP A 54 0.28 -5.92 6.48
N ALA A 55 0.95 -5.11 7.28
CA ALA A 55 1.79 -4.02 6.75
C ALA A 55 2.87 -4.50 5.77
N GLY A 56 3.30 -5.77 5.93
CA GLY A 56 4.33 -6.41 5.10
C GLY A 56 3.82 -6.90 3.73
N ASN A 57 2.52 -6.87 3.51
CA ASN A 57 2.00 -7.35 2.26
C ASN A 57 2.48 -6.63 1.00
N PRO A 58 2.49 -5.29 0.98
CA PRO A 58 2.91 -4.69 -0.29
C PRO A 58 4.38 -4.99 -0.62
N THR A 59 5.26 -4.95 0.36
CA THR A 59 6.69 -5.30 0.17
C THR A 59 6.83 -6.73 -0.30
N LEU A 60 6.15 -7.67 0.37
CA LEU A 60 6.20 -9.07 -0.09
C LEU A 60 5.72 -9.24 -1.55
N LEU A 61 4.65 -8.53 -1.92
CA LEU A 61 4.06 -8.69 -3.25
C LEU A 61 5.07 -8.32 -4.34
N LEU A 62 5.85 -7.26 -4.11
CA LEU A 62 6.89 -6.88 -5.04
C LEU A 62 8.01 -7.95 -5.16
N ASP A 63 8.39 -8.64 -4.08
CA ASP A 63 9.31 -9.78 -4.20
C ASP A 63 8.70 -10.91 -5.00
N LEU A 64 7.42 -11.18 -4.77
CA LEU A 64 6.78 -12.33 -5.42
C LEU A 64 6.54 -12.14 -6.92
N VAL A 65 6.32 -10.90 -7.34
CA VAL A 65 6.10 -10.59 -8.73
C VAL A 65 7.39 -10.76 -9.54
N GLU A 66 8.52 -10.88 -8.85
CA GLU A 66 9.83 -10.97 -9.49
C GLU A 66 10.35 -12.41 -9.58
N ASP A 67 9.84 -13.32 -8.76
CA ASP A 67 10.16 -14.74 -8.88
C ASP A 67 9.22 -15.43 -9.86
N THR A 68 9.72 -15.72 -11.06
CA THR A 68 8.93 -16.38 -12.11
C THR A 68 9.38 -17.82 -12.39
N THR A 69 10.05 -18.44 -11.44
CA THR A 69 10.20 -19.87 -11.47
C THR A 69 8.85 -20.53 -11.13
N PRO A 70 8.75 -21.86 -11.24
CA PRO A 70 7.44 -22.44 -10.96
C PRO A 70 7.03 -22.32 -9.49
N LEU A 71 8.00 -22.29 -8.58
CA LEU A 71 7.78 -22.02 -7.17
C LEU A 71 7.28 -20.61 -6.97
N GLY A 72 7.96 -19.68 -7.62
CA GLY A 72 7.54 -18.30 -7.61
C GLY A 72 6.10 -18.14 -8.01
N LYS A 73 5.73 -18.75 -9.13
CA LYS A 73 4.40 -18.57 -9.67
C LYS A 73 3.35 -19.13 -8.70
N GLU A 74 3.65 -20.26 -8.07
CA GLU A 74 2.72 -20.88 -7.12
C GLU A 74 2.68 -20.04 -5.85
N ARG A 75 3.82 -19.48 -5.45
CA ARG A 75 3.83 -18.56 -4.34
C ARG A 75 2.98 -17.33 -4.59
N LEU A 76 3.03 -16.77 -5.79
CA LEU A 76 2.23 -15.60 -6.09
C LEU A 76 0.74 -15.92 -6.08
N HIS A 77 0.37 -16.98 -6.73
CA HIS A 77 -1.01 -17.38 -6.78
C HIS A 77 -1.58 -17.60 -5.36
N ALA A 78 -0.87 -18.36 -4.54
CA ALA A 78 -1.29 -18.61 -3.16
C ALA A 78 -1.36 -17.32 -2.34
N PHE A 79 -0.39 -16.43 -2.53
CA PHE A 79 -0.39 -15.13 -1.85
C PHE A 79 -1.66 -14.35 -2.18
N LEU A 80 -2.01 -14.28 -3.46
CA LEU A 80 -3.19 -13.55 -3.88
C LEU A 80 -4.48 -14.23 -3.40
N LEU A 81 -4.57 -15.55 -3.55
CA LEU A 81 -5.73 -16.27 -3.03
C LEU A 81 -5.97 -16.13 -1.53
N ASN A 82 -4.91 -16.17 -0.73
CA ASN A 82 -5.02 -16.11 0.74
C ASN A 82 -4.90 -14.68 1.32
N LYS A 83 -4.69 -13.72 0.44
CA LYS A 83 -4.44 -12.32 0.75
C LYS A 83 -3.33 -12.18 1.77
N GLY A 84 -2.25 -12.94 1.57
CA GLY A 84 -1.11 -12.89 2.47
C GLY A 84 -0.30 -14.18 2.38
N PRO A 85 0.77 -14.24 3.15
CA PRO A 85 1.68 -15.36 3.10
C PRO A 85 1.24 -16.56 3.98
N TRP A 86 0.08 -16.48 4.64
CA TRP A 86 -0.37 -17.51 5.52
C TRP A 86 -1.53 -18.31 4.95
N SER A 87 -1.48 -19.61 5.15
CA SER A 87 -2.46 -20.48 4.52
C SER A 87 -3.75 -20.43 5.35
N ARG A 88 -4.80 -19.84 4.81
CA ARG A 88 -6.03 -19.69 5.59
C ARG A 88 -6.70 -21.00 5.94
N LEU A 89 -6.48 -22.04 5.15
CA LEU A 89 -6.95 -23.37 5.50
C LEU A 89 -6.10 -24.15 6.53
N ASP A 90 -4.86 -23.76 6.78
CA ASP A 90 -3.99 -24.60 7.63
C ASP A 90 -3.53 -23.86 8.86
N GLU A 91 -4.47 -23.33 9.63
CA GLU A 91 -4.18 -22.59 10.83
C GLU A 91 -3.07 -21.57 10.61
N ALA A 92 -3.20 -20.86 9.50
CA ALA A 92 -2.37 -19.70 9.19
C ALA A 92 -0.90 -20.04 9.14
N LYS A 93 -0.58 -21.30 8.83
CA LYS A 93 0.83 -21.62 8.58
C LYS A 93 1.41 -20.85 7.40
N PRO A 94 2.56 -20.20 7.63
CA PRO A 94 3.17 -19.54 6.48
C PRO A 94 3.60 -20.51 5.41
N PHE A 95 3.48 -20.10 4.15
CA PHE A 95 4.04 -20.84 3.01
C PHE A 95 5.10 -20.07 2.25
N ILE A 96 5.55 -18.98 2.84
CA ILE A 96 6.61 -18.11 2.32
C ILE A 96 7.69 -18.07 3.41
N PRO A 97 8.97 -18.20 3.02
CA PRO A 97 10.05 -18.10 4.01
C PRO A 97 10.23 -16.68 4.56
N GLY A 98 10.65 -16.58 5.81
CA GLY A 98 11.09 -15.31 6.35
C GLY A 98 9.92 -14.48 6.82
N VAL A 99 8.75 -15.10 6.87
CA VAL A 99 7.54 -14.41 7.28
C VAL A 99 7.22 -14.75 8.73
N PRO A 100 6.79 -13.76 9.53
CA PRO A 100 6.47 -14.12 10.90
C PRO A 100 5.10 -14.80 11.03
N PRO A 101 4.72 -15.23 12.24
CA PRO A 101 3.37 -15.74 12.47
C PRO A 101 2.38 -14.64 12.22
N LYS A 102 1.21 -14.99 11.71
CA LYS A 102 0.24 -13.99 11.28
C LYS A 102 -0.10 -13.11 12.46
N PRO A 103 0.05 -11.78 12.33
CA PRO A 103 -0.35 -10.93 13.42
C PRO A 103 -1.85 -10.83 13.57
N ASP A 104 -2.31 -11.16 14.78
CA ASP A 104 -3.72 -10.98 15.14
C ASP A 104 -4.13 -9.50 14.91
N GLU A 105 -3.24 -8.55 15.19
CA GLU A 105 -3.58 -7.16 15.13
C GLU A 105 -3.72 -6.64 13.68
N GLY A 106 -3.38 -7.43 12.67
CA GLY A 106 -3.37 -6.91 11.31
C GLY A 106 -2.55 -5.61 11.27
N ASN A 107 -3.01 -4.65 10.50
CA ASN A 107 -2.36 -3.36 10.39
C ASN A 107 -3.34 -2.31 10.91
N PHE A 108 -4.03 -2.62 12.00
CA PHE A 108 -5.04 -1.73 12.54
C PHE A 108 -4.57 -0.93 13.75
N TYR A 109 -3.49 -1.37 14.41
CA TYR A 109 -3.11 -0.89 15.72
C TYR A 109 -1.67 -0.31 15.74
N PRO A 110 -1.20 0.20 16.90
CA PRO A 110 0.02 1.00 16.77
C PRO A 110 1.27 0.15 16.65
N ALA A 111 2.25 0.68 15.93
CA ALA A 111 3.47 -0.07 15.68
C ALA A 111 4.09 -0.43 17.04
N GLY A 112 4.48 -1.69 17.19
CA GLY A 112 5.12 -2.19 18.41
C GLY A 112 4.16 -2.49 19.55
N ALA A 113 2.85 -2.29 19.35
CA ALA A 113 1.91 -2.43 20.45
C ALA A 113 1.55 -3.86 20.73
N THR A 114 1.20 -4.10 22.00
CA THR A 114 0.57 -5.38 22.38
C THR A 114 -0.93 -5.18 22.62
N LYS A 115 -1.67 -6.26 22.59
CA LYS A 115 -3.09 -6.20 22.86
C LYS A 115 -3.31 -5.58 24.24
N ALA A 116 -2.55 -6.01 25.22
CA ALA A 116 -2.70 -5.52 26.59
C ALA A 116 -2.48 -4.03 26.67
N GLU A 117 -1.52 -3.54 25.90
CA GLU A 117 -1.30 -2.11 25.84
C GLU A 117 -2.47 -1.34 25.26
N VAL A 118 -3.06 -1.85 24.18
CA VAL A 118 -4.22 -1.14 23.64
C VAL A 118 -5.37 -1.11 24.64
N GLU A 119 -5.65 -2.26 25.25
CA GLU A 119 -6.67 -2.39 26.34
C GLU A 119 -6.48 -1.37 27.45
N ALA A 120 -5.27 -1.30 28.00
CA ALA A 120 -4.98 -0.28 29.01
C ALA A 120 -5.21 1.17 28.53
N TRP A 121 -4.75 1.53 27.33
CA TRP A 121 -4.99 2.89 26.82
C TRP A 121 -6.46 3.21 26.69
N VAL A 122 -7.23 2.30 26.11
CA VAL A 122 -8.66 2.51 25.95
C VAL A 122 -9.36 2.72 27.32
N LYS A 123 -9.05 1.84 28.26
CA LYS A 123 -9.57 1.95 29.62
C LYS A 123 -9.20 3.30 30.25
N SER A 124 -8.05 3.86 29.88
CA SER A 124 -7.60 5.11 30.47
C SER A 124 -8.25 6.34 29.82
N LEU A 125 -8.95 6.17 28.70
CA LEU A 125 -9.61 7.32 28.08
C LEU A 125 -10.89 7.75 28.79
N PRO A 126 -11.29 9.02 28.61
CA PRO A 126 -12.68 9.41 28.90
C PRO A 126 -13.67 8.55 28.14
N GLU A 127 -14.77 8.19 28.80
CA GLU A 127 -15.81 7.35 28.19
C GLU A 127 -16.18 7.86 26.79
N ALA A 128 -16.28 9.18 26.66
CA ALA A 128 -16.57 9.83 25.38
C ALA A 128 -15.64 9.29 24.28
N GLN A 129 -14.34 9.26 24.54
CA GLN A 129 -13.37 8.90 23.51
C GLN A 129 -13.20 7.40 23.31
N GLN A 130 -13.65 6.59 24.27
CA GLN A 130 -13.47 5.14 24.11
C GLN A 130 -14.20 4.60 22.86
N HIS A 131 -15.37 5.18 22.56
CA HIS A 131 -16.18 4.73 21.44
C HIS A 131 -15.45 4.91 20.12
N ALA A 132 -14.75 6.03 19.99
CA ALA A 132 -14.00 6.32 18.78
C ALA A 132 -12.88 5.30 18.64
N ALA A 133 -12.17 5.04 19.73
CA ALA A 133 -11.05 4.14 19.70
C ALA A 133 -11.49 2.70 19.43
N THR A 134 -12.68 2.30 19.90
CA THR A 134 -13.13 0.90 19.70
C THR A 134 -14.14 0.73 18.56
N GLY A 135 -14.27 1.77 17.76
CA GLY A 135 -15.20 1.78 16.64
C GLY A 135 -14.67 1.06 15.41
N PHE A 136 -15.57 0.88 14.43
CA PHE A 136 -15.30 0.07 13.26
C PHE A 136 -14.29 0.72 12.30
N PHE A 137 -14.32 2.06 12.24
CA PHE A 137 -13.76 2.83 11.12
C PHE A 137 -12.69 3.84 11.58
N THR A 138 -11.90 3.43 12.58
CA THR A 138 -10.67 4.15 12.94
C THR A 138 -9.55 3.16 13.10
N THR A 139 -8.35 3.57 12.71
CA THR A 139 -7.17 2.82 13.08
C THR A 139 -6.63 3.50 14.32
N VAL A 140 -5.73 2.80 14.99
CA VAL A 140 -5.10 3.31 16.19
C VAL A 140 -3.59 3.35 15.94
N ARG A 141 -3.00 4.50 16.14
CA ARG A 141 -1.58 4.68 15.82
C ARG A 141 -0.91 5.40 16.99
N LYS A 142 0.40 5.20 17.13
CA LYS A 142 1.16 6.00 18.06
C LYS A 142 1.53 7.30 17.40
N GLY A 143 1.23 8.40 18.08
CA GLY A 143 1.52 9.73 17.56
C GLY A 143 2.90 10.23 18.01
N PRO A 144 3.30 11.41 17.52
CA PRO A 144 4.69 11.79 17.80
C PRO A 144 4.93 12.18 19.25
N ASP A 145 3.90 12.70 19.92
CA ASP A 145 3.94 12.94 21.36
C ASP A 145 3.95 11.66 22.19
N GLY A 146 4.11 10.49 21.56
CA GLY A 146 4.29 9.21 22.25
C GLY A 146 3.00 8.41 22.51
N LYS A 147 1.86 9.10 22.47
CA LYS A 147 0.60 8.57 22.96
C LYS A 147 -0.20 7.96 21.80
N PHE A 148 -1.17 7.10 22.10
CA PHE A 148 -2.01 6.52 21.04
C PHE A 148 -3.03 7.53 20.57
N LEU A 149 -3.40 7.45 19.30
CA LEU A 149 -4.47 8.26 18.75
C LEU A 149 -5.32 7.48 17.74
N THR A 150 -6.50 8.03 17.49
CA THR A 150 -7.47 7.46 16.56
C THR A 150 -7.31 8.12 15.18
N VAL A 151 -7.28 7.34 14.10
CA VAL A 151 -7.29 7.93 12.76
C VAL A 151 -8.52 7.42 12.01
N PRO A 152 -9.41 8.30 11.58
CA PRO A 152 -10.52 7.83 10.71
C PRO A 152 -10.04 7.07 9.49
N TYR A 153 -10.79 6.04 9.10
CA TYR A 153 -10.53 5.38 7.84
C TYR A 153 -10.45 6.33 6.65
N SER A 154 -11.23 7.41 6.71
CA SER A 154 -11.36 8.33 5.58
C SER A 154 -10.05 9.10 5.40
N VAL A 155 -9.28 9.21 6.45
CA VAL A 155 -7.94 9.83 6.44
C VAL A 155 -6.82 8.79 6.19
N GLU A 156 -6.92 7.68 6.92
CA GLU A 156 -5.95 6.58 6.83
C GLU A 156 -5.82 6.05 5.40
N TYR A 157 -6.94 5.80 4.73
CA TYR A 157 -6.95 5.28 3.36
C TYR A 157 -7.41 6.30 2.29
N GLN A 158 -7.15 7.56 2.58
CA GLN A 158 -7.63 8.67 1.77
C GLN A 158 -7.44 8.60 0.23
N GLY A 159 -6.22 8.38 -0.21
CA GLY A 159 -5.94 8.35 -1.63
C GLY A 159 -6.75 7.35 -2.39
N GLU A 160 -6.69 6.13 -1.91
CA GLU A 160 -7.44 5.04 -2.53
C GLU A 160 -8.96 5.25 -2.43
N LEU A 161 -9.44 5.74 -1.30
CA LEU A 161 -10.89 5.96 -1.11
C LEU A 161 -11.39 7.10 -2.00
N GLY A 162 -10.59 8.14 -2.20
CA GLY A 162 -10.90 9.20 -3.15
C GLY A 162 -11.07 8.72 -4.57
N ALA A 164 -11.82 5.54 -5.34
CA ALA A 164 -13.04 4.77 -5.30
C ALA A 164 -14.32 5.62 -5.32
N ALA A 165 -14.29 6.74 -4.63
CA ALA A 165 -15.40 7.70 -4.58
C ALA A 165 -15.65 8.31 -5.93
N LYS A 166 -14.54 8.65 -6.60
CA LYS A 166 -14.65 9.19 -7.94
C LYS A 166 -15.35 8.24 -8.89
N LEU A 167 -14.96 6.97 -8.86
CA LEU A 167 -15.52 5.98 -9.73
C LEU A 167 -16.99 5.68 -9.40
N LEU A 168 -17.34 5.67 -8.11
CA LEU A 168 -18.75 5.45 -7.77
C LEU A 168 -19.61 6.63 -8.27
N ARG A 169 -19.06 7.83 -8.23
CA ARG A 169 -19.77 9.02 -8.72
C ARG A 169 -19.94 9.00 -10.23
N GLU A 170 -18.96 8.43 -10.92
CA GLU A 170 -19.06 8.17 -12.36
C GLU A 170 -20.13 7.12 -12.66
N ALA A 171 -20.20 6.08 -11.82
CA ALA A 171 -21.22 5.06 -11.98
C ALA A 171 -22.60 5.69 -11.79
N ALA A 172 -22.71 6.58 -10.80
CA ALA A 172 -24.00 7.19 -10.45
C ALA A 172 -24.56 7.98 -11.63
N ALA A 173 -23.66 8.66 -12.31
CA ALA A 173 -24.07 9.46 -13.47
C ALA A 173 -24.53 8.60 -14.66
N LEU A 174 -23.98 7.39 -14.80
CA LEU A 174 -24.32 6.52 -15.93
C LEU A 174 -25.63 5.79 -15.71
N THR A 175 -25.78 5.21 -14.54
CA THR A 175 -26.98 4.48 -14.30
C THR A 175 -28.25 5.35 -14.29
N GLN A 176 -29.31 4.74 -14.77
CA GLN A 176 -30.62 5.32 -14.79
C GLN A 176 -31.52 4.75 -13.66
N GLN A 177 -30.97 3.87 -12.82
CA GLN A 177 -31.71 3.35 -11.68
C GLN A 177 -31.57 4.31 -10.52
N SER A 178 -32.64 5.02 -10.25
CA SER A 178 -32.65 6.04 -9.25
C SER A 178 -32.11 5.67 -7.88
N THR A 179 -32.56 4.55 -7.36
CA THR A 179 -32.13 4.17 -6.01
C THR A 179 -30.62 3.80 -5.99
N LEU A 180 -30.15 3.26 -7.10
CA LEU A 180 -28.73 2.96 -7.28
C LEU A 180 -27.96 4.27 -7.33
N LYS A 181 -28.48 5.27 -8.03
CA LYS A 181 -27.78 6.57 -8.02
C LYS A 181 -27.59 7.03 -6.60
N ARG A 182 -28.64 6.97 -5.81
CA ARG A 182 -28.58 7.47 -4.44
C ARG A 182 -27.51 6.73 -3.61
N PHE A 183 -27.52 5.43 -3.70
CA PHE A 183 -26.53 4.65 -2.94
C PHE A 183 -25.09 5.02 -3.36
N LEU A 184 -24.86 5.09 -4.65
CA LEU A 184 -23.49 5.32 -5.14
C LEU A 184 -22.97 6.68 -4.70
N GLU A 185 -23.81 7.71 -4.82
CA GLU A 185 -23.45 9.03 -4.31
C GLU A 185 -23.22 9.09 -2.79
N THR A 186 -24.12 8.48 -2.01
CA THR A 186 -23.97 8.57 -0.56
C THR A 186 -22.75 7.75 -0.12
N ARG A 187 -22.50 6.61 -0.75
CA ARG A 187 -21.34 5.79 -0.39
C ARG A 187 -20.05 6.53 -0.74
N ALA A 188 -19.99 7.12 -1.93
CA ALA A 188 -18.85 7.98 -2.25
C ALA A 188 -18.58 9.04 -1.22
N GLU A 189 -19.62 9.71 -0.74
CA GLU A 189 -19.49 10.69 0.31
C GLU A 189 -19.00 10.03 1.62
N ALA A 190 -19.62 8.93 2.00
CA ALA A 190 -19.21 8.22 3.20
C ALA A 190 -17.71 7.91 3.20
N PHE A 191 -17.16 7.50 2.07
CA PHE A 191 -15.72 7.14 2.05
C PHE A 191 -14.86 8.27 2.62
N LEU A 192 -15.24 9.51 2.31
CA LEU A 192 -14.53 10.69 2.80
C LEU A 192 -15.05 11.32 4.09
N SER A 193 -16.33 11.14 4.41
CA SER A 193 -16.82 11.71 5.67
C SER A 193 -16.57 10.78 6.84
N ASN A 194 -16.41 9.50 6.54
CA ASN A 194 -16.26 8.43 7.52
C ASN A 194 -17.53 8.16 8.30
N ASP A 195 -18.65 8.71 7.86
CA ASP A 195 -19.96 8.45 8.49
C ASP A 195 -20.87 7.70 7.53
N TYR A 196 -21.04 6.40 7.79
CA TYR A 196 -21.60 5.48 6.81
C TYR A 196 -23.14 5.32 6.97
N TYR A 197 -23.70 5.89 8.02
CA TYR A 197 -25.14 5.69 8.35
C TYR A 197 -26.07 5.96 7.17
N ALA A 198 -26.06 7.17 6.63
CA ALA A 198 -26.91 7.51 5.52
C ALA A 198 -26.76 6.63 4.30
N SER A 199 -25.52 6.26 3.97
CA SER A 199 -25.31 5.41 2.82
C SER A 199 -25.76 3.99 3.10
N GLU A 200 -25.67 3.51 4.33
CA GLU A 200 -26.22 2.20 4.68
C GLU A 200 -27.72 2.14 4.47
N VAL A 201 -28.43 3.17 4.91
CA VAL A 201 -29.84 3.23 4.66
C VAL A 201 -30.16 3.22 3.15
N ALA A 202 -29.38 3.97 2.38
CA ALA A 202 -29.60 4.03 0.95
C ALA A 202 -29.32 2.65 0.32
N TRP A 203 -28.33 1.96 0.87
CA TRP A 203 -27.97 0.64 0.37
C TRP A 203 -29.12 -0.30 0.70
N GLU A 205 -32.22 0.47 0.91
CA GLU A 205 -33.39 0.91 0.11
C GLU A 205 -33.26 0.63 -1.39
N LEU A 206 -32.14 0.08 -1.79
CA LEU A 206 -31.88 -0.24 -3.17
C LEU A 206 -32.94 -1.14 -3.75
N ASP A 207 -33.35 -0.79 -4.95
CA ASP A 207 -34.27 -1.61 -5.69
C ASP A 207 -33.80 -1.55 -7.13
N ALA A 208 -32.80 -2.36 -7.43
CA ALA A 208 -32.12 -2.24 -8.74
C ALA A 208 -31.65 -3.58 -9.19
N SER A 209 -31.37 -3.69 -10.49
CA SER A 209 -30.86 -4.92 -11.04
C SER A 209 -29.45 -5.21 -10.59
N VAL A 210 -28.70 -4.18 -10.28
CA VAL A 210 -27.31 -4.27 -9.86
C VAL A 210 -27.21 -4.08 -8.38
N GLU A 211 -26.60 -5.05 -7.73
CA GLU A 211 -26.44 -5.04 -6.33
C GLU A 211 -24.96 -4.90 -5.97
N PRO A 212 -24.56 -3.69 -5.63
CA PRO A 212 -23.19 -3.42 -5.27
C PRO A 212 -23.05 -3.33 -3.76
N THR A 213 -22.25 -4.16 -3.18
CA THR A 213 -21.96 -4.07 -1.80
C THR A 213 -20.49 -3.66 -1.79
N ILE A 214 -20.18 -2.53 -1.20
CA ILE A 214 -18.81 -2.05 -1.20
C ILE A 214 -18.53 -1.12 -0.03
N GLY A 215 -17.52 -1.47 0.74
CA GLY A 215 -17.12 -0.69 1.88
C GLY A 215 -16.52 -1.51 3.02
N PRO A 216 -16.20 -0.82 4.12
CA PRO A 216 -15.62 -1.50 5.26
C PRO A 216 -16.71 -2.13 6.13
N TYR A 217 -16.66 -3.44 6.29
CA TYR A 217 -17.72 -4.20 7.01
C TYR A 217 -17.26 -5.19 8.09
N GLU A 218 -16.71 -6.35 7.71
CA GLU A 218 -16.51 -7.43 8.67
C GLU A 218 -15.27 -7.27 9.54
N VAL A 219 -15.34 -7.83 10.75
CA VAL A 219 -14.31 -7.56 11.73
C VAL A 219 -13.38 -8.77 11.96
N TYR A 220 -13.59 -9.86 11.18
CA TYR A 220 -12.85 -11.10 11.40
C TYR A 220 -11.33 -10.89 11.37
N GLU A 221 -10.85 -9.91 10.59
CA GLU A 221 -9.39 -9.74 10.42
C GLU A 221 -8.77 -9.07 11.63
N ASP A 222 -9.60 -8.47 12.49
CA ASP A 222 -9.09 -7.92 13.76
C ASP A 222 -9.13 -9.05 14.77
N GLY A 223 -8.05 -9.81 14.83
CA GLY A 223 -7.93 -10.93 15.75
C GLY A 223 -7.65 -10.62 17.20
N TRP A 224 -7.40 -9.36 17.53
CA TRP A 224 -7.35 -8.92 18.92
C TRP A 224 -8.72 -8.68 19.56
N PHE A 225 -9.55 -7.87 18.89
CA PHE A 225 -10.72 -7.28 19.50
C PHE A 225 -12.00 -7.48 18.71
N ASN A 226 -11.89 -7.78 17.44
CA ASN A 226 -13.04 -7.86 16.56
C ASN A 226 -13.70 -6.44 16.53
N TYR A 227 -12.89 -5.38 16.58
CA TYR A 227 -13.37 -4.02 16.52
C TYR A 227 -13.39 -3.52 15.07
N LYS A 228 -12.29 -3.76 14.36
CA LYS A 228 -11.98 -3.00 13.16
C LYS A 228 -12.49 -3.68 11.88
N ALA A 229 -13.17 -2.89 11.05
CA ALA A 229 -13.75 -3.38 9.80
C ALA A 229 -12.75 -3.43 8.65
N ALA A 230 -12.91 -4.43 7.80
CA ALA A 230 -12.09 -4.65 6.62
C ALA A 230 -12.86 -4.22 5.40
N PHE A 231 -12.16 -3.62 4.46
CA PHE A 231 -12.77 -3.32 3.16
C PHE A 231 -13.05 -4.54 2.26
N GLU A 232 -14.22 -4.54 1.63
CA GLU A 232 -14.63 -5.61 0.75
C GLU A 232 -15.61 -5.08 -0.31
N ALA A 233 -15.85 -5.90 -1.32
CA ALA A 233 -16.94 -5.67 -2.28
C ALA A 233 -17.55 -6.98 -2.71
N PHE A 234 -18.86 -6.96 -2.98
CA PHE A 234 -19.53 -8.06 -3.67
C PHE A 234 -20.42 -7.38 -4.67
N ILE A 235 -20.16 -7.61 -5.94
CA ILE A 235 -20.95 -6.96 -7.00
C ILE A 235 -21.75 -8.03 -7.72
N GLY A 236 -23.07 -7.86 -7.80
CA GLY A 236 -23.91 -8.88 -8.45
C GLY A 236 -25.08 -8.36 -9.28
N VAL A 237 -25.80 -9.29 -9.88
CA VAL A 237 -27.01 -8.99 -10.63
C VAL A 237 -28.22 -9.66 -9.99
N ARG A 238 -29.22 -8.85 -9.74
CA ARG A 238 -30.38 -9.38 -9.05
C ARG A 238 -31.10 -10.44 -9.87
N ASP A 239 -31.44 -11.55 -9.22
CA ASP A 239 -32.39 -12.53 -9.74
C ASP A 239 -33.77 -12.18 -9.26
N GLU A 240 -34.56 -11.59 -10.15
CA GLU A 240 -35.83 -11.01 -9.73
C GLU A 240 -36.78 -12.05 -9.11
N ALA A 241 -36.94 -13.17 -9.79
CA ALA A 241 -37.93 -14.17 -9.44
C ALA A 241 -37.57 -14.86 -8.14
N GLU A 242 -36.28 -15.22 -7.98
CA GLU A 242 -35.83 -15.78 -6.71
C GLU A 242 -35.96 -14.79 -5.53
N THR A 243 -35.64 -13.53 -5.79
CA THR A 243 -35.81 -12.47 -4.80
C THR A 243 -37.27 -12.35 -4.36
N GLN A 244 -38.20 -12.41 -5.31
CA GLN A 244 -39.62 -12.28 -4.95
C GLN A 244 -40.14 -13.47 -4.13
N LYS A 245 -39.59 -14.66 -4.38
CA LYS A 245 -39.93 -15.81 -3.55
C LYS A 245 -39.58 -15.67 -2.08
N LEU A 246 -38.60 -14.82 -1.79
CA LEU A 246 -38.14 -14.64 -0.41
C LEU A 246 -38.73 -13.42 0.28
N ALA A 247 -39.47 -12.60 -0.44
CA ALA A 247 -39.99 -11.38 0.16
C ALA A 247 -40.84 -11.66 1.39
N LYS A 248 -41.55 -12.78 1.39
CA LYS A 248 -42.39 -13.13 2.52
C LYS A 248 -41.70 -13.31 3.86
N PHE A 249 -40.39 -13.52 3.87
CA PHE A 249 -39.69 -13.79 5.13
C PHE A 249 -39.50 -12.56 6.04
N SER A 250 -39.56 -11.49 5.48
CA SER A 250 -39.28 -10.27 6.18
C SER A 250 -40.31 -10.08 7.25
N ALA A 251 -41.51 -10.40 6.82
CA ALA A 251 -42.65 -10.33 7.73
C ALA A 251 -42.64 -11.32 8.91
N GLU A 252 -41.81 -12.33 8.85
CA GLU A 252 -41.70 -13.32 9.88
C GLU A 252 -40.74 -12.96 11.01
N LEU A 253 -39.89 -11.97 10.77
CA LEU A 253 -38.85 -11.61 11.72
C LEU A 253 -39.21 -11.22 13.12
N GLN A 254 -40.13 -10.30 13.28
CA GLN A 254 -40.50 -9.86 14.61
C GLN A 254 -41.11 -11.00 15.39
N GLU A 255 -41.90 -11.80 14.73
CA GLU A 255 -42.51 -12.94 15.32
C GLU A 255 -41.45 -13.94 15.79
N LEU A 256 -40.44 -14.17 14.99
CA LEU A 256 -39.36 -15.05 15.41
C LEU A 256 -38.69 -14.49 16.68
N GLU A 257 -38.38 -13.21 16.69
CA GLU A 257 -37.74 -12.57 17.84
C GLU A 257 -38.58 -12.73 19.09
N ASN A 258 -39.87 -12.45 18.94
CA ASN A 258 -40.86 -12.58 19.98
C ASN A 258 -40.87 -13.96 20.65
N ASN A 259 -40.48 -15.01 19.94
CA ASN A 259 -40.48 -16.35 20.41
C ASN A 259 -39.12 -17.00 20.69
N LEU A 260 -38.03 -16.24 20.65
CA LEU A 260 -36.73 -16.83 20.92
C LEU A 260 -36.69 -17.49 22.29
N PRO A 261 -36.05 -18.64 22.34
CA PRO A 261 -35.97 -19.44 23.54
C PRO A 261 -34.94 -18.93 24.51
N ILE A 262 -35.16 -17.71 24.95
CA ILE A 262 -34.35 -17.08 25.98
C ILE A 262 -35.29 -16.38 26.95
N GLU A 263 -34.76 -15.99 28.11
CA GLU A 263 -35.45 -15.11 29.05
C GLU A 263 -36.20 -13.98 28.29
N PRO A 264 -37.52 -13.83 28.51
CA PRO A 264 -38.29 -13.00 27.55
C PRO A 264 -37.85 -11.53 27.55
N ALA A 265 -37.31 -11.07 28.68
CA ALA A 265 -36.75 -9.72 28.81
C ALA A 265 -35.58 -9.43 27.85
N LEU A 266 -34.93 -10.48 27.41
CA LEU A 266 -33.78 -10.35 26.53
C LEU A 266 -34.17 -10.17 25.07
N ARG A 267 -35.45 -10.48 24.75
CA ARG A 267 -35.93 -10.35 23.38
C ARG A 267 -36.09 -8.90 22.99
N ASN A 268 -35.87 -8.58 21.73
CA ASN A 268 -35.99 -7.20 21.23
C ASN A 268 -37.47 -6.95 20.87
N PRO A 269 -38.13 -6.07 21.63
CA PRO A 269 -39.54 -5.80 21.40
C PRO A 269 -39.85 -5.07 20.08
N LYS A 270 -38.85 -4.56 19.39
CA LYS A 270 -39.09 -3.93 18.10
C LYS A 270 -37.81 -3.87 17.29
N LEU A 271 -37.69 -4.83 16.37
CA LEU A 271 -36.61 -4.85 15.39
C LEU A 271 -36.58 -3.57 14.55
N GLY A 272 -35.43 -3.27 13.94
CA GLY A 272 -35.39 -2.18 12.92
C GLY A 272 -36.45 -2.48 11.86
N ALA A 273 -37.03 -1.48 11.21
CA ALA A 273 -38.17 -1.77 10.30
C ALA A 273 -37.77 -2.38 8.98
N LEU A 274 -36.58 -2.07 8.48
CA LEU A 274 -36.12 -2.57 7.18
C LEU A 274 -35.60 -4.00 7.30
N ALA A 275 -36.01 -4.87 6.41
CA ALA A 275 -35.43 -6.22 6.31
C ALA A 275 -35.44 -6.73 4.87
N PRO A 276 -34.80 -5.96 3.98
CA PRO A 276 -34.80 -6.41 2.60
C PRO A 276 -33.97 -7.65 2.42
N ILE A 277 -34.43 -8.51 1.55
CA ILE A 277 -33.74 -9.74 1.23
C ILE A 277 -33.54 -9.78 -0.27
N ARG A 278 -32.32 -10.02 -0.70
CA ARG A 278 -32.01 -10.06 -2.11
C ARG A 278 -31.31 -11.35 -2.57
N VAL A 279 -31.72 -11.89 -3.70
CA VAL A 279 -31.06 -13.02 -4.26
C VAL A 279 -30.32 -12.51 -5.47
N ILE A 280 -29.02 -12.66 -5.44
CA ILE A 280 -28.21 -12.21 -6.55
C ILE A 280 -27.19 -13.24 -7.05
N ASN A 281 -26.78 -13.06 -8.28
CA ASN A 281 -25.74 -13.85 -8.88
C ASN A 281 -24.53 -12.95 -8.85
N SER A 282 -23.54 -13.36 -8.11
CA SER A 282 -22.35 -12.55 -7.95
C SER A 282 -21.45 -12.58 -9.14
N LEU A 283 -20.97 -11.44 -9.56
CA LEU A 283 -20.03 -11.45 -10.64
C LEU A 283 -18.63 -10.93 -10.33
N TYR A 284 -18.44 -10.49 -9.11
CA TYR A 284 -17.18 -9.99 -8.61
C TYR A 284 -17.18 -9.82 -7.08
N SER A 285 -16.03 -10.13 -6.48
CA SER A 285 -15.77 -9.87 -5.09
C SER A 285 -14.30 -9.47 -4.96
N SER A 286 -14.01 -8.76 -3.89
CA SER A 286 -12.68 -8.25 -3.62
C SER A 286 -12.47 -7.93 -2.13
N GLY A 287 -11.22 -7.65 -1.82
CA GLY A 287 -10.81 -7.38 -0.48
C GLY A 287 -11.14 -8.54 0.43
N ASP A 288 -11.78 -8.23 1.54
CA ASP A 288 -12.19 -9.24 2.50
C ASP A 288 -13.29 -10.13 1.93
N GLY A 289 -13.77 -9.79 0.74
CA GLY A 289 -14.74 -10.62 0.05
C GLY A 289 -14.08 -11.56 -0.94
N ASN A 290 -12.73 -11.62 -0.97
CA ASN A 290 -12.07 -12.65 -1.79
C ASN A 290 -10.71 -13.06 -1.19
N ARG A 291 -10.78 -13.90 -0.18
CA ARG A 291 -9.60 -14.43 0.51
C ARG A 291 -10.04 -15.79 0.96
N GLY A 292 -9.32 -16.82 0.53
CA GLY A 292 -9.60 -18.14 1.05
C GLY A 292 -11.02 -18.59 0.69
N VAL A 293 -11.73 -19.04 1.71
CA VAL A 293 -13.08 -19.58 1.57
C VAL A 293 -14.02 -18.43 1.14
N GLN A 294 -14.80 -18.68 0.09
CA GLN A 294 -15.72 -17.67 -0.41
C GLN A 294 -16.92 -17.46 0.52
N THR A 295 -17.35 -16.20 0.62
CA THR A 295 -18.60 -15.89 1.26
C THR A 295 -19.75 -16.45 0.42
N ALA A 296 -20.78 -17.01 1.07
CA ALA A 296 -21.95 -17.55 0.37
C ALA A 296 -23.14 -16.56 0.43
N ALA A 297 -23.16 -15.77 1.49
CA ALA A 297 -24.25 -14.83 1.75
C ALA A 297 -23.85 -13.96 2.90
N TYR A 298 -24.63 -12.92 3.14
CA TYR A 298 -24.27 -12.01 4.21
C TYR A 298 -25.46 -11.16 4.72
N ASN A 299 -25.24 -10.55 5.86
CA ASN A 299 -26.22 -9.70 6.55
C ASN A 299 -25.50 -8.42 6.97
N LEU A 300 -25.86 -7.29 6.38
CA LEU A 300 -25.17 -6.02 6.70
C LEU A 300 -26.23 -4.93 6.83
N PRO A 301 -25.93 -3.85 7.56
CA PRO A 301 -24.61 -3.62 8.17
C PRO A 301 -24.39 -4.38 9.45
N ASN A 302 -23.13 -4.39 9.88
CA ASN A 302 -22.72 -4.89 11.18
C ASN A 302 -22.85 -3.83 12.24
N ASP A 303 -22.89 -2.58 11.83
CA ASP A 303 -23.01 -1.48 12.78
C ASP A 303 -24.33 -1.54 13.55
N GLU A 304 -24.22 -1.82 14.85
CA GLU A 304 -25.36 -2.24 15.69
C GLU A 304 -26.33 -1.09 15.91
N ARG A 305 -25.84 0.14 15.79
CA ARG A 305 -26.72 1.28 15.84
C ARG A 305 -27.66 1.37 14.66
N VAL A 306 -27.10 1.26 13.47
CA VAL A 306 -27.89 1.33 12.25
C VAL A 306 -28.82 0.16 12.25
N ALA A 307 -28.29 -1.02 12.56
CA ALA A 307 -29.06 -2.23 12.56
C ALA A 307 -30.27 -2.15 13.50
N ALA A 308 -30.04 -1.64 14.71
CA ALA A 308 -31.10 -1.57 15.72
C ALA A 308 -32.17 -0.54 15.32
N GLU A 309 -31.74 0.57 14.70
CA GLU A 309 -32.68 1.66 14.42
C GLU A 309 -33.31 1.45 13.07
N LYS A 310 -32.58 0.93 12.10
CA LYS A 310 -33.08 0.84 10.73
C LYS A 310 -33.37 -0.57 10.25
N GLY A 311 -32.56 -1.53 10.67
CA GLY A 311 -32.70 -2.92 10.24
C GLY A 311 -31.44 -3.39 9.53
N THR A 312 -31.50 -4.58 8.97
CA THR A 312 -30.41 -5.12 8.15
C THR A 312 -30.89 -5.82 6.89
N LYS A 313 -30.00 -5.91 5.90
CA LYS A 313 -30.27 -6.46 4.59
C LYS A 313 -29.52 -7.76 4.40
N ARG A 314 -30.23 -8.74 3.87
CA ARG A 314 -29.69 -10.08 3.70
C ARG A 314 -29.55 -10.33 2.21
N VAL A 315 -28.35 -10.76 1.82
CA VAL A 315 -28.01 -11.04 0.43
C VAL A 315 -27.53 -12.48 0.29
N LEU A 317 -25.95 -15.28 -2.36
CA LEU A 317 -25.17 -15.32 -3.59
C LEU A 317 -25.45 -16.69 -4.20
N LYS A 318 -26.50 -16.76 -5.00
CA LYS A 318 -27.05 -18.05 -5.38
C LYS A 318 -26.05 -18.85 -6.21
N ASN A 319 -25.36 -18.20 -7.14
CA ASN A 319 -24.44 -18.91 -8.05
C ASN A 319 -23.28 -19.49 -7.25
N ILE A 320 -22.82 -18.73 -6.28
CA ILE A 320 -21.78 -19.20 -5.37
C ILE A 320 -22.25 -20.34 -4.49
N GLN A 321 -23.47 -20.25 -3.96
CA GLN A 321 -24.04 -21.36 -3.21
C GLN A 321 -24.16 -22.62 -4.08
N GLU A 322 -24.56 -22.44 -5.34
CA GLU A 322 -24.72 -23.59 -6.25
C GLU A 322 -23.41 -24.34 -6.51
N ALA A 323 -22.34 -23.58 -6.70
CA ALA A 323 -21.00 -24.14 -6.87
C ALA A 323 -20.48 -24.82 -5.62
N LYS A 324 -20.72 -24.28 -4.42
CA LYS A 324 -20.36 -24.95 -3.19
C LYS A 324 -21.12 -26.24 -2.97
N PHE A 325 -22.42 -26.23 -3.24
CA PHE A 325 -23.22 -27.41 -3.02
C PHE A 325 -22.81 -28.57 -3.95
N GLN A 326 -22.63 -28.28 -5.23
CA GLN A 326 -22.29 -29.31 -6.22
C GLN A 326 -20.86 -29.85 -6.02
N ARG A 327 -19.92 -28.92 -5.93
CA ARG A 327 -18.51 -29.26 -5.91
C ARG A 327 -18.02 -29.76 -4.58
N VAL A 328 -18.73 -29.40 -3.52
CA VAL A 328 -18.25 -29.70 -2.20
C VAL A 328 -19.19 -30.46 -1.31
N LEU A 329 -20.39 -29.95 -1.07
CA LEU A 329 -21.30 -30.60 -0.16
C LEU A 329 -21.66 -32.01 -0.57
N VAL A 330 -22.02 -32.15 -1.84
CA VAL A 330 -22.55 -33.40 -2.41
C VAL A 330 -21.49 -34.52 -2.25
N PRO A 331 -20.27 -34.29 -2.77
CA PRO A 331 -19.24 -35.31 -2.52
C PRO A 331 -18.97 -35.62 -1.05
N ILE A 332 -19.10 -34.65 -0.15
CA ILE A 332 -18.91 -34.92 1.26
C ILE A 332 -20.02 -35.79 1.81
N ALA A 333 -21.26 -35.52 1.39
CA ALA A 333 -22.43 -36.26 1.89
C ALA A 333 -22.32 -37.76 1.61
N LYS A 334 -21.71 -38.09 0.47
CA LYS A 334 -21.48 -39.48 0.05
C LYS A 334 -20.43 -40.23 0.89
N VAL A 335 -19.59 -39.49 1.60
CA VAL A 335 -18.65 -40.06 2.56
C VAL A 335 -19.16 -39.95 4.00
N ALA A 336 -19.55 -38.75 4.43
CA ALA A 336 -19.79 -38.51 5.85
C ALA A 336 -21.04 -39.20 6.40
N LEU A 337 -22.02 -39.42 5.53
CA LEU A 337 -23.32 -39.92 5.94
C LEU A 337 -23.51 -41.38 5.51
N PRO A 338 -24.28 -42.14 6.31
CA PRO A 338 -24.80 -43.47 5.95
C PRO A 338 -25.57 -43.40 4.65
N ALA A 339 -25.56 -44.49 3.88
CA ALA A 339 -26.14 -44.47 2.53
C ALA A 339 -27.64 -44.11 2.54
N LYS A 340 -28.33 -44.63 3.54
CA LYS A 340 -29.76 -44.42 3.70
C LYS A 340 -30.15 -42.94 3.86
N ASP A 341 -29.26 -42.14 4.45
CA ASP A 341 -29.56 -40.75 4.81
C ASP A 341 -29.13 -39.80 3.71
N ARG A 342 -28.46 -40.34 2.68
CA ARG A 342 -27.87 -39.48 1.67
C ARG A 342 -28.90 -38.89 0.75
N LYS A 343 -30.01 -39.59 0.54
CA LYS A 343 -31.05 -39.04 -0.30
C LYS A 343 -31.75 -37.83 0.34
N ASP A 344 -31.50 -37.62 1.64
CA ASP A 344 -32.06 -36.47 2.35
C ASP A 344 -31.19 -35.20 2.35
N VAL A 345 -30.23 -35.14 1.44
CA VAL A 345 -29.45 -33.93 1.17
C VAL A 345 -30.11 -33.25 0.00
N SER A 346 -30.38 -31.95 0.14
CA SER A 346 -30.96 -31.18 -0.93
C SER A 346 -30.43 -29.74 -0.93
N PHE A 347 -30.32 -29.19 -2.13
CA PHE A 347 -29.95 -27.78 -2.33
C PHE A 347 -30.97 -26.84 -1.71
N ASP A 348 -32.24 -27.22 -1.73
CA ASP A 348 -33.29 -26.38 -1.10
C ASP A 348 -33.05 -26.26 0.40
N ALA A 349 -32.71 -27.37 1.04
CA ALA A 349 -32.40 -27.36 2.45
C ALA A 349 -31.14 -26.53 2.74
N PHE A 350 -30.18 -26.61 1.84
CA PHE A 350 -28.89 -25.92 2.02
C PHE A 350 -29.11 -24.41 1.88
N PHE A 351 -29.72 -24.03 0.78
CA PHE A 351 -30.08 -22.68 0.45
C PHE A 351 -30.96 -22.10 1.54
N THR A 352 -31.98 -22.84 1.93
CA THR A 352 -32.90 -22.36 2.93
C THR A 352 -32.21 -22.09 4.27
N HIS A 353 -31.35 -23.00 4.69
CA HIS A 353 -30.65 -22.82 5.93
C HIS A 353 -29.70 -21.62 5.90
N ILE A 354 -29.05 -21.39 4.78
CA ILE A 354 -28.20 -20.24 4.66
C ILE A 354 -29.06 -18.96 4.83
N LEU A 355 -30.22 -18.92 4.21
CA LEU A 355 -31.10 -17.80 4.42
C LEU A 355 -31.46 -17.63 5.90
N HIS A 357 -29.80 -18.52 8.42
CA HIS A 357 -28.57 -18.06 9.03
C HIS A 357 -28.45 -16.56 8.90
N GLU A 358 -28.66 -16.06 7.70
CA GLU A 358 -28.59 -14.61 7.48
C GLU A 358 -29.71 -13.85 8.15
N LEU A 359 -30.94 -14.41 8.13
CA LEU A 359 -32.00 -13.83 8.93
C LEU A 359 -31.63 -13.69 10.42
N HIS A 361 -28.74 -13.72 11.95
CA HIS A 361 -27.66 -12.78 12.34
C HIS A 361 -28.32 -11.51 12.85
N GLY A 362 -29.40 -11.13 12.19
CA GLY A 362 -30.08 -9.89 12.52
C GLY A 362 -30.99 -9.91 13.72
N LEU A 363 -31.16 -11.07 14.35
CA LEU A 363 -32.02 -11.26 15.53
C LEU A 363 -31.19 -11.69 16.74
N GLY A 364 -31.79 -11.68 17.90
CA GLY A 364 -31.05 -11.93 19.10
C GLY A 364 -30.27 -10.71 19.63
N PRO A 365 -29.66 -10.85 20.80
CA PRO A 365 -28.92 -9.77 21.46
C PRO A 365 -27.88 -9.13 20.58
N HIS A 366 -27.83 -7.82 20.63
CA HIS A 366 -26.81 -7.05 19.93
C HIS A 366 -26.33 -5.93 20.85
N ASN A 367 -27.16 -4.96 21.11
CA ASN A 367 -26.83 -3.89 22.03
C ASN A 367 -27.17 -4.42 23.40
N VAL A 368 -26.21 -4.38 24.31
CA VAL A 368 -26.35 -4.85 25.67
C VAL A 368 -25.64 -3.96 26.70
N THR A 369 -25.93 -4.13 27.98
CA THR A 369 -25.30 -3.31 29.00
C THR A 369 -24.58 -4.27 29.86
N VAL A 370 -23.29 -4.05 30.02
CA VAL A 370 -22.41 -5.02 30.70
C VAL A 370 -21.62 -4.25 31.74
N ALA A 371 -21.79 -4.63 33.00
CA ALA A 371 -21.17 -3.92 34.13
C ALA A 371 -21.39 -2.42 34.15
N GLY A 372 -22.64 -2.00 33.98
CA GLY A 372 -22.97 -0.58 34.02
C GLY A 372 -22.70 0.21 32.75
N LYS A 373 -22.25 -0.45 31.69
CA LYS A 373 -21.80 0.24 30.48
C LYS A 373 -22.60 -0.26 29.30
N GLN A 374 -23.14 0.66 28.52
CA GLN A 374 -23.75 0.34 27.24
C GLN A 374 -22.70 -0.09 26.23
N THR A 375 -22.90 -1.26 25.64
CA THR A 375 -21.92 -1.84 24.74
C THR A 375 -22.63 -2.73 23.73
N THR A 376 -21.86 -3.53 23.01
CA THR A 376 -22.38 -4.49 22.07
C THR A 376 -21.86 -5.87 22.48
N VAL A 377 -22.62 -6.90 22.12
CA VAL A 377 -22.18 -8.29 22.25
C VAL A 377 -20.77 -8.46 21.64
N ARG A 378 -20.64 -7.90 20.45
CA ARG A 378 -19.37 -7.97 19.71
C ARG A 378 -18.21 -7.39 20.51
N GLN A 379 -18.37 -6.16 21.00
CA GLN A 379 -17.29 -5.57 21.75
C GLN A 379 -17.07 -6.18 23.11
N ALA A 380 -18.11 -6.74 23.73
CA ALA A 380 -17.94 -7.40 24.99
C ALA A 380 -17.17 -8.70 24.85
N LEU A 381 -17.46 -9.47 23.83
CA LEU A 381 -16.83 -10.77 23.61
C LEU A 381 -15.45 -10.64 22.90
N GLN A 382 -15.19 -9.49 22.30
CA GLN A 382 -13.88 -9.23 21.65
C GLN A 382 -13.57 -10.34 20.65
N ALA A 383 -12.34 -10.89 20.64
CA ALA A 383 -11.92 -11.90 19.67
C ALA A 383 -12.76 -13.17 19.70
N SER A 384 -13.50 -13.41 20.78
CA SER A 384 -14.40 -14.57 20.81
C SER A 384 -15.75 -14.33 20.09
N SER A 385 -16.06 -13.08 19.76
CA SER A 385 -17.39 -12.76 19.23
C SER A 385 -17.72 -13.49 17.95
N SER A 386 -16.76 -13.58 17.04
CA SER A 386 -17.05 -14.00 15.67
C SER A 386 -17.54 -15.44 15.60
N ALA A 387 -16.83 -16.32 16.30
CA ALA A 387 -17.18 -17.75 16.29
C ALA A 387 -18.49 -17.94 17.06
N ILE A 388 -18.69 -17.18 18.11
CA ILE A 388 -19.98 -17.28 18.86
C ILE A 388 -21.16 -16.82 17.99
N GLU A 389 -20.97 -15.70 17.30
CA GLU A 389 -22.03 -15.17 16.43
C GLU A 389 -22.29 -16.09 15.26
N GLU A 390 -21.24 -16.69 14.64
CA GLU A 390 -21.52 -17.64 13.56
C GLU A 390 -22.26 -18.91 14.02
N ALA A 391 -21.90 -19.44 15.19
CA ALA A 391 -22.59 -20.60 15.74
C ALA A 391 -24.04 -20.23 16.04
N LYS A 392 -24.25 -19.07 16.65
CA LYS A 392 -25.60 -18.58 16.88
C LYS A 392 -26.45 -18.53 15.62
N ALA A 393 -25.91 -17.91 14.58
CA ALA A 393 -26.66 -17.78 13.33
C ALA A 393 -26.98 -19.14 12.70
N ASP A 394 -26.02 -20.05 12.72
CA ASP A 394 -26.27 -21.39 12.20
C ASP A 394 -27.34 -22.12 13.02
N ILE A 395 -27.14 -22.21 14.32
CA ILE A 395 -28.03 -23.04 15.17
C ILE A 395 -29.41 -22.40 15.36
N SER A 396 -29.45 -21.09 15.56
CA SER A 396 -30.74 -20.40 15.58
C SER A 396 -31.43 -20.39 14.23
N GLY A 397 -30.66 -20.50 13.16
CA GLY A 397 -31.19 -20.62 11.81
C GLY A 397 -31.95 -21.95 11.66
N LEU A 398 -31.35 -23.03 12.15
CA LEU A 398 -32.11 -24.29 12.31
C LEU A 398 -33.37 -24.14 13.20
N TRP A 399 -33.27 -23.42 14.30
CA TRP A 399 -34.43 -23.21 15.18
C TRP A 399 -35.57 -22.50 14.43
N ALA A 400 -35.22 -21.48 13.65
CA ALA A 400 -36.19 -20.72 12.85
C ALA A 400 -36.72 -21.51 11.65
N LEU A 401 -35.86 -22.25 10.97
CA LEU A 401 -36.31 -23.12 9.90
C LEU A 401 -37.39 -24.08 10.42
N GLN A 402 -37.14 -24.66 11.58
CA GLN A 402 -38.06 -25.65 12.18
C GLN A 402 -39.40 -24.99 12.54
N ARG A 403 -39.30 -23.80 13.11
CA ARG A 403 -40.51 -23.04 13.46
C ARG A 403 -41.32 -22.66 12.24
N LEU A 404 -40.67 -22.29 11.15
CA LEU A 404 -41.37 -21.95 9.96
C LEU A 404 -41.99 -23.16 9.23
N VAL A 405 -41.37 -24.32 9.37
CA VAL A 405 -41.96 -25.55 8.91
C VAL A 405 -43.19 -25.88 9.79
N ASP A 406 -43.08 -25.73 11.11
CA ASP A 406 -44.17 -26.06 12.02
C ASP A 406 -45.38 -25.14 11.83
N LYS A 407 -45.12 -23.87 11.50
CA LYS A 407 -46.15 -22.87 11.16
C LYS A 407 -46.81 -23.02 9.77
N GLY A 408 -46.11 -23.62 8.83
CA GLY A 408 -46.63 -23.77 7.48
C GLY A 408 -46.04 -22.82 6.46
N THR A 409 -45.10 -21.95 6.87
CA THR A 409 -44.54 -20.97 5.98
C THR A 409 -43.54 -21.59 5.01
N LEU A 410 -42.79 -22.57 5.51
CA LEU A 410 -41.84 -23.31 4.69
C LEU A 410 -42.48 -24.70 4.45
N ASP A 411 -42.15 -25.33 3.35
CA ASP A 411 -42.75 -26.62 2.99
C ASP A 411 -42.33 -27.78 3.89
N LYS A 412 -43.25 -28.72 4.12
CA LYS A 412 -42.97 -29.89 4.91
C LYS A 412 -41.82 -30.74 4.39
N GLU A 413 -41.55 -30.69 3.10
CA GLU A 413 -40.43 -31.48 2.58
C GLU A 413 -39.12 -31.17 3.29
N LEU A 414 -38.97 -29.92 3.77
CA LEU A 414 -37.80 -29.53 4.54
C LEU A 414 -37.64 -30.24 5.89
N GLN A 415 -38.69 -30.88 6.39
CA GLN A 415 -38.57 -31.70 7.60
C GLN A 415 -37.65 -32.90 7.44
N ARG A 416 -37.62 -33.43 6.22
CA ARG A 416 -36.85 -34.63 5.89
C ARG A 416 -35.38 -34.25 5.59
N THR A 417 -35.16 -33.07 5.00
CA THR A 417 -33.88 -32.71 4.41
C THR A 417 -33.05 -31.69 5.22
N TYR A 419 -32.00 -31.26 8.48
CA TYR A 419 -31.00 -31.65 9.49
C TYR A 419 -29.84 -32.42 8.86
N THR A 420 -30.18 -33.27 7.89
CA THR A 420 -29.21 -34.15 7.28
C THR A 420 -28.34 -33.35 6.31
N THR A 421 -28.95 -32.36 5.66
CA THR A 421 -28.19 -31.47 4.78
C THR A 421 -27.23 -30.62 5.59
N PHE A 422 -27.68 -30.16 6.75
CA PHE A 422 -26.86 -29.39 7.68
C PHE A 422 -25.71 -30.24 8.25
N LEU A 423 -25.97 -31.53 8.48
CA LEU A 423 -24.90 -32.40 8.99
C LEU A 423 -23.78 -32.54 7.98
N ALA A 424 -24.12 -32.77 6.71
CA ALA A 424 -23.11 -32.86 5.68
C ALA A 424 -22.37 -31.53 5.53
N SER A 425 -23.09 -30.42 5.62
CA SER A 425 -22.44 -29.12 5.56
C SER A 425 -21.52 -28.82 6.74
N ALA A 426 -21.76 -29.47 7.88
CA ALA A 426 -20.94 -29.27 9.05
C ALA A 426 -19.51 -29.76 8.77
N PHE A 427 -19.42 -30.82 7.96
CA PHE A 427 -18.11 -31.38 7.61
C PHE A 427 -17.50 -30.47 6.57
N ARG A 428 -18.38 -29.88 5.78
CA ARG A 428 -17.94 -28.87 4.84
C ARG A 428 -17.27 -27.71 5.59
N SER A 429 -17.96 -27.14 6.56
CA SER A 429 -17.47 -25.90 7.16
C SER A 429 -16.28 -26.16 8.07
N ILE A 430 -16.23 -27.31 8.73
CA ILE A 430 -15.16 -27.56 9.69
C ILE A 430 -13.78 -27.73 8.99
N ARG A 431 -13.83 -27.97 7.71
CA ARG A 431 -12.66 -28.07 6.88
C ARG A 431 -12.07 -26.70 6.52
N PHE A 432 -12.83 -25.64 6.74
CA PHE A 432 -12.32 -24.29 6.58
C PHE A 432 -11.25 -24.07 7.61
N GLY A 433 -11.38 -24.80 8.71
CA GLY A 433 -10.38 -24.82 9.73
C GLY A 433 -10.92 -24.32 11.03
N ILE A 434 -10.34 -24.85 12.09
CA ILE A 434 -10.79 -24.63 13.44
C ILE A 434 -10.49 -23.24 13.97
N ASP A 435 -9.65 -22.48 13.26
CA ASP A 435 -9.37 -21.12 13.68
C ASP A 435 -10.20 -20.08 12.92
N GLU A 436 -10.96 -20.54 11.93
CA GLU A 436 -11.85 -19.72 11.11
C GLU A 436 -13.22 -19.68 11.80
N ALA A 437 -13.86 -18.53 11.84
CA ALA A 437 -15.09 -18.37 12.59
C ALA A 437 -16.18 -19.38 12.29
N HIS A 438 -16.47 -19.58 11.03
CA HIS A 438 -17.50 -20.54 10.67
C HIS A 438 -17.14 -21.97 11.12
N GLY A 439 -15.89 -22.37 10.89
CA GLY A 439 -15.42 -23.67 11.29
C GLY A 439 -15.40 -23.92 12.78
N LYS A 440 -14.89 -22.97 13.56
CA LYS A 440 -14.89 -23.12 14.99
C LYS A 440 -16.33 -23.17 15.52
N GLY A 441 -17.21 -22.35 14.97
CA GLY A 441 -18.63 -22.34 15.40
C GLY A 441 -19.31 -23.65 15.03
N ILE A 442 -18.98 -24.20 13.87
CA ILE A 442 -19.60 -25.44 13.46
C ILE A 442 -19.08 -26.62 14.29
N ALA A 443 -17.84 -26.53 14.75
CA ALA A 443 -17.29 -27.55 15.66
C ALA A 443 -18.10 -27.55 16.95
N LEU A 444 -18.34 -26.36 17.46
CA LEU A 444 -19.05 -26.17 18.69
C LEU A 444 -20.47 -26.76 18.60
N GLN A 445 -21.10 -26.60 17.42
CA GLN A 445 -22.44 -27.15 17.16
C GLN A 445 -22.40 -28.67 17.01
N LEU A 446 -21.50 -29.15 16.16
CA LEU A 446 -21.43 -30.59 15.92
C LEU A 446 -21.14 -31.33 17.24
N ASN A 447 -20.36 -30.73 18.11
CA ASN A 447 -19.98 -31.35 19.38
C ASN A 447 -21.09 -31.24 20.41
N HIS A 448 -21.86 -30.16 20.34
CA HIS A 448 -23.06 -30.12 21.11
C HIS A 448 -24.04 -31.23 20.65
N PHE A 449 -24.17 -31.44 19.36
CA PHE A 449 -25.06 -32.49 18.87
C PHE A 449 -24.57 -33.85 19.38
N LEU A 450 -23.26 -34.09 19.29
CA LEU A 450 -22.72 -35.38 19.74
C LEU A 450 -23.00 -35.60 21.20
N ASP A 451 -22.84 -34.56 22.01
CA ASP A 451 -23.01 -34.66 23.45
C ASP A 451 -24.44 -34.86 23.89
N THR A 452 -25.41 -34.40 23.09
CA THR A 452 -26.83 -34.53 23.45
C THR A 452 -27.49 -35.69 22.72
N GLY A 453 -26.71 -36.40 21.91
CA GLY A 453 -27.21 -37.52 21.15
C GLY A 453 -28.13 -37.18 19.99
N ALA A 454 -28.10 -35.93 19.52
CA ALA A 454 -28.86 -35.51 18.34
C ALA A 454 -28.23 -35.96 17.04
N VAL A 455 -26.95 -36.32 17.12
CA VAL A 455 -26.24 -36.89 16.01
C VAL A 455 -25.41 -38.03 16.63
N LYS A 456 -25.36 -39.15 15.95
CA LYS A 456 -24.53 -40.27 16.40
C LYS A 456 -23.54 -40.68 15.33
N VAL A 457 -22.44 -41.33 15.76
CA VAL A 457 -21.46 -41.91 14.83
C VAL A 457 -21.70 -43.42 14.65
N ASN A 458 -21.74 -43.90 13.42
CA ASN A 458 -21.97 -45.32 13.19
C ASN A 458 -20.65 -46.11 13.12
N ALA A 459 -20.72 -47.44 13.00
CA ALA A 459 -19.55 -48.28 13.22
C ALA A 459 -18.62 -48.15 12.03
N ASP A 460 -19.19 -48.00 10.86
CA ASP A 460 -18.41 -47.58 9.70
C ASP A 460 -17.92 -46.12 9.76
N GLY A 461 -18.07 -45.45 10.90
CA GLY A 461 -17.51 -44.12 11.11
C GLY A 461 -18.33 -42.94 10.55
N THR A 462 -19.33 -43.21 9.71
CA THR A 462 -20.26 -42.17 9.24
C THR A 462 -21.10 -41.56 10.36
N PHE A 463 -21.64 -40.37 10.11
CA PHE A 463 -22.46 -39.65 11.10
C PHE A 463 -23.92 -39.61 10.63
N GLU A 464 -24.85 -39.59 11.57
CA GLU A 464 -26.26 -39.39 11.20
C GLU A 464 -27.13 -38.74 12.25
N VAL A 465 -28.16 -38.06 11.73
CA VAL A 465 -29.10 -37.36 12.58
C VAL A 465 -29.97 -38.34 13.35
N VAL A 466 -30.14 -38.05 14.64
CA VAL A 466 -31.16 -38.70 15.43
C VAL A 466 -32.39 -37.79 15.66
N PRO A 467 -33.40 -37.91 14.80
CA PRO A 467 -34.48 -36.92 14.72
C PRO A 467 -35.24 -36.58 15.99
N ASP A 468 -35.50 -37.55 16.87
CA ASP A 468 -36.25 -37.28 18.05
C ASP A 468 -35.47 -36.57 19.12
N LYS A 469 -34.18 -36.38 18.92
CA LYS A 469 -33.40 -35.60 19.88
C LYS A 469 -32.92 -34.25 19.32
N GLN A 471 -34.53 -31.48 17.67
CA GLN A 471 -35.19 -30.23 17.96
C GLN A 471 -34.85 -29.60 19.30
N ALA A 472 -34.88 -30.39 20.35
CA ALA A 472 -34.53 -29.92 21.65
C ALA A 472 -33.03 -29.54 21.78
N SER A 473 -32.18 -30.21 21.04
CA SER A 473 -30.75 -29.93 21.06
C SER A 473 -30.47 -28.55 20.42
N VAL A 474 -31.08 -28.31 19.29
CA VAL A 474 -30.98 -27.02 18.62
C VAL A 474 -31.42 -25.89 19.52
N THR A 475 -32.53 -26.10 20.20
CA THR A 475 -33.10 -25.13 21.11
C THR A 475 -32.19 -24.83 22.32
N SER A 476 -31.59 -25.85 22.93
CA SER A 476 -30.79 -25.57 24.12
C SER A 476 -29.52 -24.81 23.70
N LEU A 477 -28.95 -25.14 22.56
CA LEU A 477 -27.71 -24.43 22.14
C LEU A 477 -28.02 -22.97 21.73
N THR A 478 -29.16 -22.79 21.06
CA THR A 478 -29.69 -21.46 20.76
C THR A 478 -29.81 -20.63 22.02
N ASN A 479 -30.45 -21.21 23.04
CA ASN A 479 -30.53 -20.59 24.33
C ASN A 479 -29.14 -20.32 24.96
N GLN A 480 -28.25 -21.31 24.86
CA GLN A 480 -26.91 -21.11 25.47
C GLN A 480 -26.16 -19.93 24.83
N LEU A 481 -26.07 -19.94 23.52
CA LEU A 481 -25.30 -18.91 22.81
C LEU A 481 -25.90 -17.53 22.95
N SER A 483 -27.82 -16.43 25.41
CA SER A 483 -27.73 -15.97 26.77
C SER A 483 -26.32 -15.52 27.10
N LEU A 484 -25.36 -16.24 26.52
CA LEU A 484 -23.94 -15.93 26.68
C LEU A 484 -23.67 -14.56 26.06
N GLN A 485 -24.24 -14.30 24.89
CA GLN A 485 -24.05 -12.99 24.24
C GLN A 485 -24.73 -11.89 25.05
N ALA A 486 -25.95 -12.16 25.50
CA ALA A 486 -26.68 -11.15 26.27
C ALA A 486 -25.95 -10.68 27.51
N LYS A 487 -25.25 -11.59 28.18
CA LYS A 487 -24.49 -11.28 29.39
C LYS A 487 -23.12 -10.69 29.06
N GLY A 488 -22.73 -10.75 27.80
CA GLY A 488 -21.44 -10.21 27.39
C GLY A 488 -20.33 -10.92 28.14
N ASP A 489 -20.47 -12.23 28.27
CA ASP A 489 -19.61 -12.97 29.18
C ASP A 489 -18.38 -13.50 28.45
N ARG A 490 -17.35 -12.71 28.45
CA ARG A 490 -16.29 -13.11 27.56
C ARG A 490 -15.46 -14.25 28.07
N ALA A 491 -15.32 -14.33 29.27
CA ALA A 491 -14.70 -15.51 29.86
C ALA A 491 -15.42 -16.81 29.53
N ALA A 492 -16.74 -16.87 29.70
CA ALA A 492 -17.48 -18.08 29.35
C ALA A 492 -17.35 -18.42 27.87
N ALA A 493 -17.40 -17.39 27.01
CA ALA A 493 -17.21 -17.57 25.58
C ALA A 493 -15.85 -18.17 25.27
N GLU A 494 -14.81 -17.63 25.91
CA GLU A 494 -13.46 -18.14 25.69
C GLU A 494 -13.39 -19.61 26.10
N GLU A 495 -14.02 -19.94 27.23
CA GLU A 495 -13.97 -21.31 27.80
C GLU A 495 -14.72 -22.29 26.91
N LEU A 496 -15.89 -21.88 26.41
CA LEU A 496 -16.67 -22.69 25.48
C LEU A 496 -15.98 -22.92 24.14
N LEU A 497 -15.41 -21.85 23.57
CA LEU A 497 -14.66 -22.04 22.36
C LEU A 497 -13.45 -22.98 22.56
N ALA A 498 -12.72 -22.81 23.65
CA ALA A 498 -11.49 -23.62 23.83
C ALA A 498 -11.85 -25.11 24.04
N LYS A 499 -12.89 -25.37 24.83
CA LYS A 499 -13.40 -26.72 25.13
C LYS A 499 -14.10 -27.40 23.97
N GLN A 500 -15.04 -26.69 23.33
CA GLN A 500 -15.94 -27.30 22.34
C GLN A 500 -15.64 -26.93 20.88
N GLY A 501 -14.78 -25.91 20.71
CA GLY A 501 -14.36 -25.48 19.39
C GLY A 501 -13.13 -26.25 18.94
N VAL A 502 -13.30 -27.55 18.81
CA VAL A 502 -12.22 -28.45 18.50
C VAL A 502 -12.75 -29.57 17.60
N VAL A 503 -11.85 -30.15 16.80
CA VAL A 503 -12.15 -31.30 15.95
C VAL A 503 -11.90 -32.59 16.73
N ARG A 504 -12.99 -33.26 17.11
CA ARG A 504 -12.87 -34.55 17.82
C ARG A 504 -12.42 -35.69 16.90
N PRO A 505 -11.88 -36.76 17.50
CA PRO A 505 -11.37 -37.91 16.74
C PRO A 505 -12.35 -38.50 15.71
N SER A 506 -13.62 -38.68 16.07
CA SER A 506 -14.56 -39.20 15.09
C SER A 506 -14.68 -38.32 13.85
N VAL A 507 -14.61 -37.00 14.03
CA VAL A 507 -14.76 -36.08 12.90
C VAL A 507 -13.49 -36.16 12.06
N GLN A 508 -12.35 -36.17 12.74
CA GLN A 508 -11.07 -36.21 12.06
C GLN A 508 -10.94 -37.41 11.12
N LYS A 509 -11.47 -38.55 11.54
CA LYS A 509 -11.50 -39.76 10.74
C LYS A 509 -12.26 -39.54 9.44
N VAL A 510 -13.37 -38.81 9.51
CA VAL A 510 -14.10 -38.51 8.30
C VAL A 510 -13.28 -37.58 7.44
N LEU A 511 -12.70 -36.56 8.07
CA LEU A 511 -11.91 -35.61 7.34
C LEU A 511 -10.75 -36.28 6.56
N GLU A 512 -10.21 -37.35 7.12
CA GLU A 512 -9.15 -38.08 6.42
C GLU A 512 -9.64 -38.67 5.10
N LYS A 513 -10.87 -39.18 5.12
CA LYS A 513 -11.47 -39.78 3.95
C LYS A 513 -11.91 -38.77 2.92
N LEU A 514 -11.74 -37.48 3.24
CA LEU A 514 -12.18 -36.40 2.39
C LEU A 514 -11.01 -35.67 1.74
N LYS A 515 -9.81 -36.22 1.89
CA LYS A 515 -8.63 -35.61 1.31
C LYS A 515 -8.73 -35.33 -0.18
N ASN A 516 -9.55 -36.07 -0.92
CA ASN A 516 -9.67 -35.84 -2.39
C ASN A 516 -10.70 -34.78 -2.81
N VAL A 517 -11.53 -34.34 -1.87
CA VAL A 517 -12.62 -33.43 -2.19
C VAL A 517 -12.18 -31.97 -2.01
N PRO A 518 -12.57 -31.07 -2.91
CA PRO A 518 -12.13 -29.69 -2.65
C PRO A 518 -12.68 -29.19 -1.32
N VAL A 519 -12.08 -28.13 -0.78
CA VAL A 519 -12.58 -27.53 0.46
C VAL A 519 -13.60 -26.42 0.11
N ASP A 520 -13.28 -25.62 -0.90
CA ASP A 520 -14.13 -24.54 -1.39
C ASP A 520 -13.81 -24.27 -2.85
N ILE A 521 -13.98 -23.02 -3.29
CA ILE A 521 -13.84 -22.68 -4.66
C ILE A 521 -12.94 -21.47 -4.83
N GLU A 522 -12.36 -21.33 -6.02
CA GLU A 522 -11.65 -20.16 -6.44
C GLU A 522 -12.39 -19.57 -7.64
N PRO A 523 -13.01 -18.40 -7.42
CA PRO A 523 -13.78 -17.83 -8.53
C PRO A 523 -12.86 -17.23 -9.55
N ARG A 524 -13.17 -17.42 -10.82
CA ARG A 524 -12.62 -16.61 -11.88
C ARG A 524 -13.73 -15.81 -12.53
N TYR A 525 -13.66 -14.49 -12.38
CA TYR A 525 -14.79 -13.62 -12.61
C TYR A 525 -14.70 -13.16 -14.06
N VAL A 526 -15.07 -14.09 -14.93
CA VAL A 526 -14.92 -13.97 -16.35
C VAL A 526 -15.78 -12.83 -16.86
N THR A 527 -17.01 -12.65 -16.34
CA THR A 527 -17.88 -11.57 -16.82
C THR A 527 -17.41 -10.21 -16.35
N ALA A 528 -16.90 -10.14 -15.14
CA ALA A 528 -16.37 -8.89 -14.61
C ALA A 528 -15.18 -8.40 -15.42
N GLU A 529 -14.29 -9.29 -15.78
CA GLU A 529 -13.12 -8.86 -16.53
C GLU A 529 -13.50 -8.32 -17.94
N SER A 530 -14.55 -8.91 -18.52
CA SER A 530 -15.08 -8.45 -19.80
C SER A 530 -15.70 -7.05 -19.69
N LEU A 531 -16.49 -6.82 -18.64
CA LEU A 531 -17.06 -5.47 -18.41
C LEU A 531 -16.01 -4.37 -18.26
N VAL A 532 -14.86 -4.67 -17.64
CA VAL A 532 -13.80 -3.67 -17.48
C VAL A 532 -12.76 -3.70 -18.63
N LYS A 533 -13.09 -4.25 -19.79
CA LYS A 533 -12.36 -3.84 -21.00
C LYS A 533 -13.27 -3.70 -22.22
N ARG B 1 -0.90 6.90 -29.34
CA ARG B 1 -0.85 7.13 -27.87
C ARG B 1 -0.06 6.03 -27.15
N LEU B 2 -0.50 4.77 -27.24
CA LEU B 2 0.06 3.68 -26.42
C LEU B 2 1.01 2.80 -27.21
N PRO B 3 2.18 2.50 -26.63
CA PRO B 3 3.19 1.69 -27.33
C PRO B 3 2.84 0.20 -27.34
N ASP B 4 3.15 -0.49 -28.43
CA ASP B 4 3.19 -1.95 -28.47
C ASP B 4 4.40 -2.55 -27.75
N ALA B 5 4.47 -3.88 -27.70
CA ALA B 5 5.48 -4.56 -26.90
C ALA B 5 6.91 -4.22 -27.34
N PRO B 6 7.16 -4.20 -28.66
CA PRO B 6 8.49 -3.82 -29.13
C PRO B 6 8.86 -2.36 -28.91
N THR B 7 7.91 -1.45 -29.13
CA THR B 7 8.15 -0.03 -28.88
C THR B 7 8.48 0.13 -27.37
N LEU B 8 7.72 -0.56 -26.52
CA LEU B 8 7.89 -0.49 -25.06
C LEU B 8 9.17 -1.19 -24.59
N LYS B 9 9.51 -2.32 -25.17
CA LYS B 9 10.79 -2.96 -24.87
C LYS B 9 11.93 -1.99 -25.18
N ARG B 10 11.78 -1.23 -26.27
CA ARG B 10 12.80 -0.31 -26.76
C ARG B 10 12.90 0.87 -25.83
N THR B 12 12.16 0.96 -22.64
CA THR B 12 12.75 0.44 -21.42
C THR B 12 14.27 0.17 -21.53
N ALA B 13 14.70 -0.24 -22.73
CA ALA B 13 16.12 -0.50 -23.05
C ALA B 13 17.00 0.76 -23.08
N ARG B 14 16.37 1.93 -23.03
CA ARG B 14 17.09 3.16 -22.80
C ARG B 14 17.74 3.20 -21.42
N PHE B 15 17.22 2.42 -20.48
CA PHE B 15 17.94 2.08 -19.25
C PHE B 15 18.75 0.78 -19.41
N ALA B 16 20.05 0.92 -19.72
CA ALA B 16 20.89 -0.25 -19.96
C ALA B 16 20.98 -1.13 -18.73
N PRO B 17 20.67 -2.43 -18.87
CA PRO B 17 20.73 -3.24 -17.65
C PRO B 17 22.16 -3.45 -17.23
N VAL B 18 22.43 -3.24 -15.95
CA VAL B 18 23.76 -3.44 -15.36
C VAL B 18 23.62 -4.31 -14.12
N ASP B 19 24.33 -5.43 -14.05
CA ASP B 19 24.40 -6.19 -12.82
C ASP B 19 25.33 -5.45 -11.87
N VAL B 20 24.84 -5.10 -10.69
CA VAL B 20 25.58 -4.28 -9.74
C VAL B 20 26.07 -5.23 -8.65
N LYS B 21 27.29 -5.70 -8.86
CA LYS B 21 27.99 -6.60 -7.97
C LYS B 21 28.95 -5.77 -7.16
N VAL B 22 28.92 -5.94 -5.85
CA VAL B 22 29.79 -5.25 -4.93
C VAL B 22 30.47 -6.25 -4.01
N ASP B 23 31.76 -6.04 -3.87
CA ASP B 23 32.61 -6.99 -3.13
C ASP B 23 32.24 -6.85 -1.67
N VAL B 24 31.78 -7.94 -1.05
CA VAL B 24 31.43 -7.93 0.37
C VAL B 24 32.23 -8.99 1.12
N SER B 25 33.22 -9.57 0.44
CA SER B 25 34.12 -10.56 1.01
C SER B 25 35.00 -10.00 2.13
N LYS B 26 35.14 -8.69 2.20
CA LYS B 26 35.95 -8.01 3.20
C LYS B 26 35.25 -7.72 4.51
N LEU B 27 33.97 -7.94 4.52
CA LEU B 27 33.17 -7.66 5.72
C LEU B 27 33.13 -8.87 6.66
N PRO B 28 33.25 -8.63 7.97
CA PRO B 28 33.04 -9.74 8.89
C PRO B 28 31.61 -10.29 8.84
N ASP B 29 31.45 -11.56 9.19
CA ASP B 29 30.12 -12.19 9.20
C ASP B 29 29.07 -11.34 9.86
N ALA B 30 29.38 -10.80 11.03
CA ALA B 30 28.38 -9.98 11.75
C ALA B 30 27.87 -8.79 10.92
N GLU B 31 28.76 -8.22 10.14
CA GLU B 31 28.39 -7.03 9.37
C GLU B 31 27.59 -7.40 8.16
N LYS B 32 27.79 -8.60 7.64
CA LYS B 32 26.92 -9.09 6.58
C LYS B 32 25.53 -9.40 7.10
N ARG B 33 25.45 -9.91 8.32
CA ARG B 33 24.14 -10.17 8.89
C ARG B 33 23.41 -8.87 9.16
N ALA B 34 24.12 -7.86 9.66
CA ALA B 34 23.52 -6.55 9.86
C ALA B 34 23.02 -5.98 8.51
N LEU B 35 23.87 -6.09 7.50
CA LEU B 35 23.56 -5.61 6.15
C LEU B 35 22.30 -6.25 5.55
N ALA B 36 22.13 -7.54 5.77
CA ALA B 36 20.91 -8.21 5.35
C ALA B 36 19.67 -7.60 5.99
N LYS B 37 19.71 -7.33 7.28
CA LYS B 37 18.56 -6.70 7.93
C LYS B 37 18.31 -5.28 7.41
N ILE B 38 19.38 -4.53 7.22
CA ILE B 38 19.28 -3.21 6.64
C ILE B 38 18.61 -3.26 5.25
N LEU B 39 19.06 -4.20 4.43
CA LEU B 39 18.50 -4.41 3.09
C LEU B 39 16.99 -4.69 3.19
N GLN B 40 16.62 -5.58 4.08
CA GLN B 40 15.25 -5.88 4.32
C GLN B 40 14.43 -4.60 4.68
N ALA B 41 14.97 -3.71 5.51
CA ALA B 41 14.28 -2.47 5.83
C ALA B 41 14.18 -1.59 4.57
N ALA B 42 15.26 -1.55 3.80
CA ALA B 42 15.33 -0.74 2.60
C ALA B 42 14.26 -1.11 1.59
N LYS B 43 14.02 -2.40 1.47
CA LYS B 43 13.03 -2.91 0.51
C LYS B 43 11.67 -2.27 0.70
N ILE B 44 11.39 -1.93 1.94
CA ILE B 44 10.10 -1.32 2.31
C ILE B 44 9.92 0.06 1.70
N ASP B 46 10.33 0.79 -1.36
CA ASP B 46 9.78 0.63 -2.71
C ASP B 46 8.25 0.74 -2.70
N PRO B 47 7.53 -0.04 -1.85
CA PRO B 47 6.06 0.19 -1.86
C PRO B 47 5.62 1.50 -1.24
N LEU B 48 6.38 1.99 -0.27
CA LEU B 48 6.12 3.32 0.27
C LEU B 48 6.17 4.42 -0.81
N PHE B 49 7.26 4.46 -1.56
CA PHE B 49 7.36 5.43 -2.62
C PHE B 49 6.29 5.20 -3.69
N LEU B 50 6.06 3.96 -4.07
CA LEU B 50 5.06 3.65 -5.09
C LEU B 50 3.73 4.31 -4.73
N SER B 51 3.37 4.22 -3.48
CA SER B 51 2.08 4.79 -3.09
C SER B 51 2.13 6.29 -2.82
N GLN B 52 3.31 6.83 -2.55
CA GLN B 52 3.49 8.29 -2.60
C GLN B 52 3.30 8.91 -3.95
N ALA B 53 3.84 8.24 -4.96
CA ALA B 53 3.79 8.70 -6.36
C ALA B 53 2.36 8.75 -6.86
N TRP B 54 1.58 7.74 -6.49
CA TRP B 54 0.19 7.69 -6.93
C TRP B 54 -0.55 6.67 -6.14
N ALA B 55 -1.70 7.07 -5.65
CA ALA B 55 -2.55 6.18 -4.86
C ALA B 55 -3.10 4.98 -5.65
N GLY B 56 -3.23 5.09 -6.98
CA GLY B 56 -3.67 4.02 -7.81
C GLY B 56 -2.63 2.98 -8.18
N ASN B 57 -1.38 3.18 -7.80
CA ASN B 57 -0.31 2.25 -8.13
C ASN B 57 -0.52 0.82 -7.64
N PRO B 58 -0.86 0.64 -6.37
CA PRO B 58 -1.08 -0.74 -5.93
C PRO B 58 -2.18 -1.47 -6.71
N THR B 59 -3.27 -0.77 -6.95
CA THR B 59 -4.35 -1.35 -7.69
C THR B 59 -3.90 -1.76 -9.10
N LEU B 60 -3.19 -0.87 -9.75
CA LEU B 60 -2.72 -1.12 -11.11
C LEU B 60 -1.77 -2.34 -11.15
N LEU B 61 -0.88 -2.43 -10.17
CA LEU B 61 0.11 -3.50 -10.16
C LEU B 61 -0.60 -4.87 -10.21
N LEU B 62 -1.69 -4.98 -9.45
CA LEU B 62 -2.46 -6.20 -9.41
C LEU B 62 -3.09 -6.51 -10.75
N ASP B 63 -3.47 -5.47 -11.48
CA ASP B 63 -3.96 -5.65 -12.84
C ASP B 63 -2.79 -6.08 -13.76
N LEU B 64 -1.64 -5.44 -13.61
CA LEU B 64 -0.52 -5.72 -14.51
C LEU B 64 0.01 -7.13 -14.39
N VAL B 65 0.09 -7.60 -13.18
CA VAL B 65 0.63 -8.91 -12.91
C VAL B 65 -0.19 -10.07 -13.52
N GLU B 66 -1.49 -9.89 -13.74
CA GLU B 66 -2.33 -10.95 -14.33
C GLU B 66 -2.12 -11.12 -15.82
N ASP B 67 -1.56 -10.10 -16.47
CA ASP B 67 -1.36 -10.14 -17.89
C ASP B 67 0.06 -10.61 -18.19
N THR B 68 0.17 -11.92 -18.47
CA THR B 68 1.46 -12.59 -18.74
C THR B 68 1.69 -12.76 -20.23
N THR B 69 0.96 -12.02 -21.05
CA THR B 69 1.33 -11.85 -22.44
C THR B 69 2.70 -11.20 -22.52
N PRO B 70 3.36 -11.32 -23.67
CA PRO B 70 4.60 -10.56 -23.84
C PRO B 70 4.43 -9.04 -23.63
N LEU B 71 3.37 -8.46 -24.20
CA LEU B 71 3.03 -7.04 -23.96
C LEU B 71 2.87 -6.77 -22.47
N GLY B 72 2.22 -7.71 -21.79
CA GLY B 72 1.91 -7.56 -20.37
C GLY B 72 3.18 -7.56 -19.53
N LYS B 73 4.11 -8.41 -19.91
CA LYS B 73 5.37 -8.52 -19.18
C LYS B 73 6.22 -7.26 -19.38
N GLU B 74 6.16 -6.70 -20.57
CA GLU B 74 6.84 -5.44 -20.84
C GLU B 74 6.20 -4.31 -20.05
N ARG B 75 4.89 -4.36 -19.91
CA ARG B 75 4.19 -3.34 -19.16
C ARG B 75 4.56 -3.44 -17.68
N LEU B 76 4.68 -4.64 -17.14
CA LEU B 76 5.02 -4.82 -15.77
C LEU B 76 6.45 -4.32 -15.53
N HIS B 77 7.37 -4.67 -16.42
CA HIS B 77 8.74 -4.20 -16.29
C HIS B 77 8.76 -2.66 -16.32
N ALA B 78 8.12 -2.07 -17.31
CA ALA B 78 8.10 -0.63 -17.41
C ALA B 78 7.52 0.04 -16.17
N PHE B 79 6.41 -0.49 -15.69
CA PHE B 79 5.78 0.03 -14.50
C PHE B 79 6.75 0.01 -13.30
N LEU B 80 7.37 -1.11 -13.06
CA LEU B 80 8.28 -1.23 -11.94
C LEU B 80 9.48 -0.30 -12.11
N LEU B 81 10.02 -0.22 -13.31
CA LEU B 81 11.16 0.66 -13.52
C LEU B 81 10.81 2.11 -13.28
N ASN B 82 9.68 2.53 -13.81
CA ASN B 82 9.26 3.90 -13.71
C ASN B 82 8.47 4.23 -12.43
N LYS B 83 8.28 3.25 -11.54
CA LYS B 83 7.40 3.41 -10.36
C LYS B 83 6.05 4.02 -10.73
N GLY B 84 5.42 3.47 -11.75
CA GLY B 84 4.15 3.93 -12.17
C GLY B 84 3.97 3.81 -13.66
N PRO B 85 2.77 4.13 -14.15
CA PRO B 85 2.38 3.93 -15.53
C PRO B 85 2.82 5.02 -16.49
N TRP B 86 3.65 5.93 -16.04
CA TRP B 86 4.09 7.03 -16.86
C TRP B 86 5.58 6.99 -17.13
N SER B 87 5.95 7.27 -18.36
CA SER B 87 7.35 7.18 -18.78
C SER B 87 8.08 8.37 -18.22
N ARG B 88 9.01 8.14 -17.30
CA ARG B 88 9.73 9.27 -16.72
C ARG B 88 10.60 10.02 -17.74
N LEU B 89 11.08 9.34 -18.76
CA LEU B 89 11.91 9.96 -19.82
C LEU B 89 11.13 10.79 -20.85
N ASP B 90 9.82 10.58 -20.96
CA ASP B 90 9.01 11.15 -22.07
C ASP B 90 7.90 12.06 -21.53
N GLU B 91 8.30 13.01 -20.68
CA GLU B 91 7.41 13.97 -20.05
C GLU B 91 6.18 13.28 -19.47
N ALA B 92 6.38 12.08 -18.92
CA ALA B 92 5.34 11.41 -18.16
C ALA B 92 4.16 10.97 -19.02
N LYS B 93 4.43 10.64 -20.27
CA LYS B 93 3.39 10.10 -21.16
C LYS B 93 3.01 8.72 -20.64
N PRO B 94 1.71 8.47 -20.50
CA PRO B 94 1.31 7.14 -20.08
C PRO B 94 1.74 6.07 -21.04
N PHE B 95 2.04 4.90 -20.52
CA PHE B 95 2.24 3.74 -21.39
C PHE B 95 1.30 2.59 -21.05
N ILE B 96 0.35 2.84 -20.16
CA ILE B 96 -0.66 1.85 -19.75
C ILE B 96 -2.03 2.48 -20.06
N PRO B 97 -2.93 1.69 -20.65
CA PRO B 97 -4.24 2.20 -21.01
C PRO B 97 -5.08 2.57 -19.77
N GLY B 98 -5.91 3.58 -19.87
CA GLY B 98 -6.87 3.85 -18.81
C GLY B 98 -6.34 4.56 -17.57
N VAL B 99 -5.12 5.04 -17.63
CA VAL B 99 -4.53 5.79 -16.53
C VAL B 99 -4.74 7.28 -16.82
N PRO B 100 -4.86 8.12 -15.78
CA PRO B 100 -4.93 9.53 -16.02
C PRO B 100 -3.54 10.10 -16.19
N PRO B 101 -3.45 11.42 -16.40
CA PRO B 101 -2.17 12.10 -16.41
C PRO B 101 -1.52 11.99 -15.04
N LYS B 102 -0.20 12.03 -15.03
CA LYS B 102 0.53 11.97 -13.77
C LYS B 102 0.17 13.12 -12.84
N PRO B 103 -0.31 12.82 -11.62
CA PRO B 103 -0.68 13.94 -10.78
C PRO B 103 0.54 14.58 -10.17
N ASP B 104 0.71 15.88 -10.40
CA ASP B 104 1.75 16.64 -9.71
C ASP B 104 1.68 16.49 -8.17
N GLU B 105 0.47 16.33 -7.64
CA GLU B 105 0.27 16.25 -6.20
C GLU B 105 0.70 14.91 -5.59
N GLY B 106 0.98 13.93 -6.45
CA GLY B 106 1.27 12.58 -6.00
C GLY B 106 0.14 12.17 -5.07
N ASN B 107 0.46 11.53 -3.94
CA ASN B 107 -0.54 11.15 -2.94
C ASN B 107 -0.22 11.82 -1.60
N PHE B 108 0.20 13.08 -1.66
CA PHE B 108 0.60 13.83 -0.50
C PHE B 108 -0.49 14.75 0.02
N TYR B 109 -1.51 15.02 -0.80
CA TYR B 109 -2.48 16.06 -0.55
C TYR B 109 -3.92 15.55 -0.52
N PRO B 110 -4.90 16.42 -0.16
CA PRO B 110 -6.25 15.91 0.05
C PRO B 110 -6.88 15.33 -1.20
N ALA B 111 -7.65 14.27 -0.99
CA ALA B 111 -8.44 13.73 -2.08
C ALA B 111 -9.37 14.81 -2.67
N GLY B 112 -9.26 15.01 -3.98
CA GLY B 112 -10.10 15.97 -4.69
C GLY B 112 -9.54 17.39 -4.70
N ALA B 113 -8.45 17.63 -3.99
CA ALA B 113 -7.95 19.00 -3.85
C ALA B 113 -7.32 19.51 -5.16
N THR B 114 -7.25 20.83 -5.24
CA THR B 114 -6.43 21.55 -6.20
C THR B 114 -5.31 22.28 -5.44
N LYS B 115 -4.25 22.57 -6.18
CA LYS B 115 -3.15 23.32 -5.66
C LYS B 115 -3.65 24.62 -5.03
N ALA B 116 -4.59 25.28 -5.72
CA ALA B 116 -5.06 26.58 -5.26
C ALA B 116 -5.78 26.42 -3.93
N GLU B 117 -6.58 25.38 -3.83
CA GLU B 117 -7.28 25.10 -2.56
C GLU B 117 -6.33 24.87 -1.40
N VAL B 118 -5.30 24.05 -1.64
CA VAL B 118 -4.30 23.81 -0.62
C VAL B 118 -3.60 25.10 -0.20
N GLU B 119 -3.18 25.90 -1.16
CA GLU B 119 -2.49 27.14 -0.82
C GLU B 119 -3.39 28.07 -0.01
N ALA B 120 -4.65 28.19 -0.40
CA ALA B 120 -5.58 29.09 0.28
C ALA B 120 -5.87 28.65 1.72
N TRP B 121 -6.00 27.33 1.95
CA TRP B 121 -6.15 26.84 3.33
C TRP B 121 -4.91 27.14 4.16
N VAL B 122 -3.74 26.89 3.59
CA VAL B 122 -2.51 27.09 4.32
C VAL B 122 -2.41 28.53 4.78
N LYS B 123 -2.67 29.45 3.85
CA LYS B 123 -2.58 30.87 4.11
C LYS B 123 -3.60 31.36 5.15
N SER B 124 -4.67 30.60 5.42
CA SER B 124 -5.62 30.97 6.47
C SER B 124 -5.22 30.44 7.85
N LEU B 125 -4.11 29.70 7.93
CA LEU B 125 -3.70 29.14 9.18
C LEU B 125 -2.79 30.11 9.88
N PRO B 126 -2.73 30.01 11.20
CA PRO B 126 -1.77 30.75 12.02
C PRO B 126 -0.36 30.32 11.63
N GLU B 127 0.66 31.12 11.84
CA GLU B 127 2.03 30.79 11.46
C GLU B 127 2.54 29.37 11.73
N ALA B 128 2.38 28.90 12.95
CA ALA B 128 2.85 27.59 13.33
C ALA B 128 2.16 26.45 12.68
N GLN B 129 0.90 26.62 12.38
CA GLN B 129 0.23 25.57 11.67
C GLN B 129 0.68 25.58 10.21
N GLN B 130 1.01 26.74 9.65
CA GLN B 130 1.47 26.79 8.27
C GLN B 130 2.77 26.02 8.13
N HIS B 131 3.70 26.27 9.02
CA HIS B 131 5.00 25.59 8.94
C HIS B 131 4.81 24.09 9.07
N ALA B 132 3.90 23.66 9.96
CA ALA B 132 3.59 22.24 10.08
C ALA B 132 3.03 21.73 8.76
N ALA B 133 2.10 22.48 8.18
CA ALA B 133 1.45 22.05 6.95
C ALA B 133 2.41 22.01 5.77
N THR B 134 3.41 22.88 5.74
CA THR B 134 4.26 23.02 4.55
C THR B 134 5.58 22.27 4.74
N GLY B 135 5.68 21.50 5.82
CA GLY B 135 6.91 20.79 6.14
C GLY B 135 7.11 19.52 5.33
N PHE B 136 8.29 18.93 5.47
CA PHE B 136 8.72 17.80 4.67
C PHE B 136 7.96 16.53 5.02
N PHE B 137 7.57 16.37 6.29
CA PHE B 137 7.20 15.05 6.78
C PHE B 137 5.77 15.02 7.31
N THR B 138 4.90 15.76 6.63
CA THR B 138 3.48 15.63 6.86
C THR B 138 2.77 15.49 5.54
N THR B 139 1.76 14.67 5.55
CA THR B 139 0.80 14.72 4.47
C THR B 139 -0.29 15.70 4.87
N VAL B 140 -1.08 16.04 3.85
CA VAL B 140 -2.31 16.82 4.03
C VAL B 140 -3.53 16.09 3.53
N ARG B 141 -4.53 15.94 4.41
CA ARG B 141 -5.72 15.14 4.16
C ARG B 141 -6.96 15.98 4.48
N LYS B 142 -8.08 15.66 3.84
CA LYS B 142 -9.39 16.19 4.23
C LYS B 142 -9.94 15.36 5.39
N GLY B 143 -10.26 16.01 6.52
CA GLY B 143 -10.80 15.34 7.70
C GLY B 143 -12.29 15.10 7.57
N PRO B 144 -12.89 14.45 8.56
CA PRO B 144 -14.29 14.08 8.40
C PRO B 144 -15.22 15.29 8.28
N ASP B 145 -14.90 16.38 8.94
CA ASP B 145 -15.70 17.61 8.83
C ASP B 145 -15.46 18.37 7.53
N GLY B 146 -14.64 17.81 6.64
CA GLY B 146 -14.40 18.39 5.35
C GLY B 146 -13.22 19.35 5.28
N LYS B 147 -12.61 19.68 6.40
CA LYS B 147 -11.50 20.64 6.37
C LYS B 147 -10.16 19.92 6.31
N PHE B 148 -9.12 20.64 5.90
CA PHE B 148 -7.84 19.99 5.64
C PHE B 148 -7.13 19.86 6.99
N LEU B 149 -6.33 18.82 7.12
CA LEU B 149 -5.55 18.63 8.33
C LEU B 149 -4.20 18.03 7.95
N THR B 150 -3.24 18.15 8.87
CA THR B 150 -1.87 17.70 8.69
C THR B 150 -1.70 16.33 9.35
N VAL B 151 -1.10 15.36 8.66
CA VAL B 151 -0.81 14.08 9.24
C VAL B 151 0.70 13.84 9.24
N PRO B 152 1.29 13.56 10.42
CA PRO B 152 2.72 13.23 10.44
C PRO B 152 3.02 11.94 9.70
N TYR B 153 4.11 11.91 8.92
CA TYR B 153 4.52 10.69 8.24
C TYR B 153 4.54 9.45 9.17
N SER B 154 4.98 9.63 10.40
CA SER B 154 5.10 8.53 11.40
C SER B 154 3.73 7.87 11.61
N VAL B 155 2.68 8.67 11.42
CA VAL B 155 1.28 8.17 11.54
C VAL B 155 0.74 7.66 10.22
N GLU B 156 0.77 8.62 9.00
CA GLU B 156 0.45 8.21 7.65
C GLU B 156 0.85 6.76 7.35
N TYR B 157 2.27 6.53 7.52
CA TYR B 157 2.90 5.30 7.06
C TYR B 157 3.34 4.36 8.21
N GLN B 158 2.62 4.42 9.30
CA GLN B 158 2.99 3.67 10.48
C GLN B 158 3.28 2.18 10.39
N GLY B 159 2.42 1.43 9.73
CA GLY B 159 2.59 0.01 9.62
C GLY B 159 3.92 -0.34 8.98
N GLU B 160 4.11 0.19 7.79
CA GLU B 160 5.32 -0.03 7.06
C GLU B 160 6.57 0.45 7.82
N LEU B 161 6.50 1.65 8.35
CA LEU B 161 7.63 2.25 9.05
C LEU B 161 7.95 1.53 10.34
N GLY B 162 6.93 1.02 11.02
CA GLY B 162 7.17 0.16 12.18
C GLY B 162 7.98 -1.07 11.83
N ALA B 164 9.95 -1.39 9.29
CA ALA B 164 11.31 -0.98 8.90
C ALA B 164 12.13 -0.71 10.17
N ALA B 165 11.53 0.01 11.11
CA ALA B 165 12.15 0.29 12.39
C ALA B 165 12.60 -0.96 13.11
N LYS B 166 11.72 -1.95 13.21
CA LYS B 166 12.08 -3.24 13.79
C LYS B 166 13.32 -3.86 13.13
N LEU B 167 13.40 -3.84 11.80
CA LEU B 167 14.54 -4.42 11.08
C LEU B 167 15.83 -3.62 11.32
N LEU B 168 15.72 -2.29 11.37
CA LEU B 168 16.89 -1.46 11.70
C LEU B 168 17.35 -1.77 13.12
N ARG B 169 16.40 -1.96 14.01
CA ARG B 169 16.75 -2.32 15.37
C ARG B 169 17.47 -3.69 15.41
N GLU B 170 16.99 -4.65 14.67
CA GLU B 170 17.67 -5.94 14.58
C GLU B 170 19.06 -5.80 14.01
N ALA B 171 19.19 -4.97 12.97
CA ALA B 171 20.53 -4.67 12.47
C ALA B 171 21.43 -4.08 13.54
N ALA B 172 20.92 -3.13 14.32
CA ALA B 172 21.71 -2.44 15.32
C ALA B 172 22.26 -3.42 16.35
N ALA B 173 21.51 -4.48 16.58
CA ALA B 173 21.93 -5.52 17.54
C ALA B 173 23.00 -6.44 16.98
N LEU B 174 23.20 -6.45 15.68
CA LEU B 174 24.13 -7.38 15.06
C LEU B 174 25.49 -6.73 14.74
N THR B 175 25.47 -5.46 14.37
CA THR B 175 26.72 -4.82 13.99
C THR B 175 27.64 -4.63 15.19
N GLN B 176 28.93 -4.70 14.90
CA GLN B 176 29.92 -4.39 15.87
C GLN B 176 30.52 -2.96 15.67
N GLN B 177 29.96 -2.19 14.74
CA GLN B 177 30.39 -0.82 14.45
C GLN B 177 29.53 0.18 15.21
N SER B 178 30.13 0.84 16.18
CA SER B 178 29.39 1.72 17.07
C SER B 178 28.62 2.88 16.41
N THR B 179 29.22 3.56 15.44
CA THR B 179 28.55 4.64 14.76
C THR B 179 27.34 4.10 13.92
N LEU B 180 27.44 2.89 13.43
CA LEU B 180 26.36 2.32 12.65
C LEU B 180 25.23 1.92 13.59
N LYS B 181 25.55 1.29 14.73
CA LYS B 181 24.55 0.97 15.75
C LYS B 181 23.74 2.22 16.12
N ARG B 182 24.43 3.28 16.46
CA ARG B 182 23.80 4.53 16.84
C ARG B 182 22.84 5.07 15.74
N PHE B 183 23.33 5.15 14.52
CA PHE B 183 22.47 5.56 13.41
C PHE B 183 21.23 4.70 13.31
N LEU B 184 21.44 3.40 13.25
CA LEU B 184 20.33 2.45 13.08
C LEU B 184 19.28 2.60 14.18
N GLU B 185 19.71 2.72 15.44
CA GLU B 185 18.79 2.91 16.57
C GLU B 185 17.99 4.20 16.45
N THR B 186 18.68 5.30 16.18
CA THR B 186 18.07 6.60 16.16
C THR B 186 17.16 6.80 14.93
N ARG B 187 17.49 6.14 13.83
CA ARG B 187 16.64 6.26 12.62
C ARG B 187 15.37 5.44 12.76
N ALA B 188 15.49 4.26 13.33
CA ALA B 188 14.34 3.45 13.77
C ALA B 188 13.39 4.28 14.61
N GLU B 189 13.95 4.98 15.59
CA GLU B 189 13.17 5.87 16.46
C GLU B 189 12.51 7.03 15.72
N ALA B 190 13.26 7.66 14.81
CA ALA B 190 12.77 8.80 14.02
C ALA B 190 11.54 8.41 13.20
N PHE B 191 11.59 7.22 12.63
CA PHE B 191 10.47 6.76 11.82
C PHE B 191 9.17 6.90 12.59
N LEU B 192 9.20 6.58 13.88
CA LEU B 192 7.98 6.61 14.70
C LEU B 192 7.76 7.90 15.45
N SER B 193 8.79 8.70 15.67
CA SER B 193 8.64 9.99 16.34
C SER B 193 8.32 11.11 15.35
N ASN B 194 8.74 10.91 14.11
CA ASN B 194 8.68 11.95 13.06
C ASN B 194 9.66 13.09 13.28
N ASP B 195 10.62 12.92 14.18
CA ASP B 195 11.63 13.97 14.39
C ASP B 195 12.98 13.40 14.01
N TYR B 196 13.49 13.90 12.89
CA TYR B 196 14.63 13.28 12.24
C TYR B 196 15.97 13.89 12.68
N TYR B 197 15.95 14.93 13.51
CA TYR B 197 17.15 15.74 13.77
C TYR B 197 18.27 14.87 14.35
N ALA B 198 18.01 14.19 15.47
CA ALA B 198 19.09 13.39 16.09
C ALA B 198 19.66 12.31 15.14
N SER B 199 18.77 11.64 14.40
CA SER B 199 19.19 10.56 13.56
C SER B 199 19.96 11.06 12.29
N GLU B 200 19.70 12.29 11.89
CA GLU B 200 20.45 12.87 10.77
C GLU B 200 21.85 13.16 11.27
N VAL B 201 21.96 13.65 12.50
CA VAL B 201 23.28 13.87 13.06
C VAL B 201 24.03 12.56 13.16
N ALA B 202 23.38 11.51 13.67
CA ALA B 202 24.01 10.20 13.76
C ALA B 202 24.45 9.73 12.38
N TRP B 203 23.60 9.95 11.39
CA TRP B 203 23.91 9.59 10.02
C TRP B 203 25.16 10.30 9.53
N GLU B 205 27.49 11.37 11.35
CA GLU B 205 28.60 10.88 12.16
C GLU B 205 29.04 9.45 11.81
N LEU B 206 28.43 8.83 10.81
CA LEU B 206 28.83 7.48 10.44
C LEU B 206 30.27 7.38 9.96
N ASP B 207 31.00 6.41 10.50
CA ASP B 207 32.36 6.12 10.04
C ASP B 207 32.56 4.63 9.82
N ALA B 208 31.54 3.92 9.37
CA ALA B 208 31.57 2.47 9.33
C ALA B 208 31.80 2.03 7.88
N SER B 209 31.93 0.71 7.69
CA SER B 209 32.18 0.14 6.38
C SER B 209 30.89 0.01 5.58
N VAL B 210 29.76 0.06 6.28
CA VAL B 210 28.44 -0.08 5.67
C VAL B 210 27.80 1.29 5.83
N GLU B 211 27.30 1.84 4.72
CA GLU B 211 26.84 3.22 4.68
C GLU B 211 25.43 3.22 4.19
N PRO B 212 24.47 3.16 5.12
CA PRO B 212 23.08 3.14 4.75
C PRO B 212 22.44 4.52 4.77
N THR B 213 21.75 4.86 3.70
CA THR B 213 20.94 6.05 3.66
C THR B 213 19.50 5.56 3.52
N ILE B 214 18.62 5.94 4.44
CA ILE B 214 17.25 5.41 4.47
C ILE B 214 16.29 6.33 5.19
N GLY B 215 15.31 6.82 4.45
CA GLY B 215 14.25 7.65 5.03
C GLY B 215 13.65 8.62 4.02
N PRO B 216 12.84 9.57 4.48
CA PRO B 216 12.20 10.52 3.59
C PRO B 216 13.10 11.72 3.35
N TYR B 217 13.40 11.99 2.08
CA TYR B 217 14.39 13.00 1.78
C TYR B 217 13.97 13.99 0.68
N GLU B 218 13.91 13.53 -0.57
CA GLU B 218 13.85 14.51 -1.68
C GLU B 218 12.40 14.93 -1.99
N VAL B 219 12.25 16.13 -2.52
CA VAL B 219 10.93 16.70 -2.73
C VAL B 219 10.49 16.78 -4.21
N TYR B 220 11.23 16.14 -5.12
CA TYR B 220 10.97 16.27 -6.56
C TYR B 220 9.61 15.69 -6.96
N GLU B 221 9.10 14.73 -6.20
CA GLU B 221 7.82 14.12 -6.48
C GLU B 221 6.56 14.95 -6.15
N ASP B 222 6.73 15.96 -5.30
CA ASP B 222 5.73 16.97 -5.03
C ASP B 222 5.84 18.10 -6.06
N GLY B 223 5.13 17.91 -7.16
CA GLY B 223 5.13 18.79 -8.29
C GLY B 223 4.31 20.04 -8.06
N TRP B 224 3.54 20.11 -6.96
CA TRP B 224 2.81 21.34 -6.66
C TRP B 224 3.71 22.34 -5.97
N PHE B 225 4.30 21.95 -4.86
CA PHE B 225 5.05 22.86 -4.06
C PHE B 225 6.48 22.49 -3.71
N ASN B 226 6.91 21.27 -4.01
CA ASN B 226 8.26 20.79 -3.65
C ASN B 226 8.37 20.88 -2.10
N TYR B 227 7.35 20.51 -1.34
CA TYR B 227 7.41 20.52 0.09
C TYR B 227 7.61 19.12 0.69
N LYS B 228 6.97 18.14 0.07
CA LYS B 228 6.86 16.82 0.70
C LYS B 228 7.92 15.84 0.25
N ALA B 229 8.54 15.20 1.22
CA ALA B 229 9.62 14.30 1.01
C ALA B 229 9.18 12.89 0.63
N ALA B 230 9.96 12.28 -0.24
CA ALA B 230 9.79 10.91 -0.67
C ALA B 230 10.74 9.95 0.03
N PHE B 231 10.21 8.79 0.36
CA PHE B 231 11.01 7.72 0.93
C PHE B 231 11.98 7.12 -0.08
N GLU B 232 13.19 6.90 0.38
CA GLU B 232 14.21 6.25 -0.38
C GLU B 232 15.24 5.49 0.44
N ALA B 233 16.07 4.71 -0.25
CA ALA B 233 17.26 4.12 0.37
C ALA B 233 18.37 3.97 -0.67
N PHE B 234 19.59 4.14 -0.18
CA PHE B 234 20.80 3.71 -0.87
C PHE B 234 21.72 2.98 0.14
N ILE B 235 22.02 1.71 -0.11
CA ILE B 235 22.83 0.94 0.84
C ILE B 235 24.13 0.54 0.18
N GLY B 236 25.23 1.06 0.71
CA GLY B 236 26.53 0.84 0.10
C GLY B 236 27.64 0.38 1.04
N VAL B 237 28.75 -0.04 0.44
CA VAL B 237 29.97 -0.44 1.14
C VAL B 237 30.97 0.69 0.95
N ARG B 238 31.51 1.21 2.01
CA ARG B 238 32.45 2.29 1.95
C ARG B 238 33.72 1.97 1.15
N ASP B 239 34.16 2.88 0.30
CA ASP B 239 35.44 2.72 -0.40
C ASP B 239 36.40 3.64 0.32
N GLU B 240 37.16 3.04 1.22
CA GLU B 240 38.02 3.76 2.15
C GLU B 240 39.10 4.61 1.44
N ALA B 241 39.74 4.03 0.45
CA ALA B 241 40.81 4.72 -0.26
C ALA B 241 40.26 6.01 -0.85
N GLU B 242 39.13 5.87 -1.55
CA GLU B 242 38.54 7.02 -2.26
C GLU B 242 37.95 8.05 -1.31
N THR B 243 37.36 7.59 -0.22
CA THR B 243 36.84 8.44 0.80
C THR B 243 37.95 9.29 1.44
N GLN B 244 39.08 8.69 1.78
CA GLN B 244 40.17 9.42 2.43
C GLN B 244 40.73 10.54 1.55
N LYS B 245 40.85 10.24 0.28
CA LYS B 245 41.30 11.21 -0.66
C LYS B 245 40.43 12.48 -0.73
N LEU B 246 39.17 12.38 -0.38
CA LEU B 246 38.26 13.53 -0.48
C LEU B 246 38.07 14.31 0.79
N ALA B 247 38.65 13.84 1.88
CA ALA B 247 38.37 14.46 3.20
C ALA B 247 38.81 15.92 3.20
N LYS B 248 39.89 16.20 2.48
CA LYS B 248 40.42 17.57 2.38
C LYS B 248 39.45 18.61 1.87
N PHE B 249 38.43 18.20 1.11
CA PHE B 249 37.48 19.19 0.59
C PHE B 249 36.56 19.88 1.60
N SER B 250 36.29 19.23 2.72
CA SER B 250 35.44 19.80 3.77
C SER B 250 36.01 21.13 4.26
N ALA B 251 37.32 21.17 4.36
CA ALA B 251 38.06 22.36 4.84
C ALA B 251 38.04 23.55 3.90
N GLU B 252 37.69 23.32 2.64
CA GLU B 252 37.63 24.37 1.64
C GLU B 252 36.27 25.11 1.60
N LEU B 253 35.25 24.53 2.19
CA LEU B 253 33.91 25.10 2.12
C LEU B 253 33.67 26.52 2.63
N GLN B 254 34.11 26.86 3.83
CA GLN B 254 33.91 28.20 4.34
C GLN B 254 34.53 29.30 3.41
N GLU B 255 35.67 29.03 2.83
CA GLU B 255 36.33 29.92 1.91
C GLU B 255 35.51 30.12 0.63
N LEU B 256 34.98 29.04 0.08
CA LEU B 256 34.13 29.14 -1.08
C LEU B 256 32.91 29.99 -0.76
N GLU B 257 32.26 29.71 0.38
CA GLU B 257 31.09 30.48 0.79
C GLU B 257 31.45 31.96 0.90
N ASN B 258 32.65 32.25 1.42
CA ASN B 258 33.10 33.61 1.73
C ASN B 258 33.35 34.43 0.45
N ASN B 259 33.49 33.74 -0.68
CA ASN B 259 33.86 34.32 -1.95
C ASN B 259 32.78 34.17 -3.04
N LEU B 260 31.62 33.64 -2.66
CA LEU B 260 30.49 33.55 -3.57
C LEU B 260 30.23 34.92 -4.20
N PRO B 261 30.09 34.95 -5.53
CA PRO B 261 29.94 36.17 -6.34
C PRO B 261 28.52 36.75 -6.21
N ILE B 262 28.15 37.05 -4.99
CA ILE B 262 26.84 37.59 -4.69
C ILE B 262 27.16 38.72 -3.74
N GLU B 263 26.14 39.51 -3.42
CA GLU B 263 26.28 40.53 -2.39
C GLU B 263 26.77 39.92 -1.05
N PRO B 264 27.86 40.48 -0.49
CA PRO B 264 28.48 39.94 0.73
C PRO B 264 27.51 39.64 1.86
N ALA B 265 26.47 40.47 2.00
CA ALA B 265 25.48 40.31 3.05
C ALA B 265 24.78 38.95 2.95
N LEU B 266 24.71 38.42 1.73
CA LEU B 266 23.94 37.21 1.43
C LEU B 266 24.70 35.93 1.77
N ARG B 267 25.99 36.08 2.07
CA ARG B 267 26.85 34.94 2.34
C ARG B 267 26.68 34.38 3.74
N ASN B 268 26.86 33.07 3.91
CA ASN B 268 26.80 32.49 5.25
C ASN B 268 28.17 32.58 5.95
N PRO B 269 28.28 33.39 7.02
CA PRO B 269 29.62 33.54 7.60
C PRO B 269 30.03 32.35 8.47
N LYS B 270 29.08 31.49 8.83
CA LYS B 270 29.39 30.29 9.60
C LYS B 270 28.54 29.08 9.18
N LEU B 271 29.02 28.36 8.17
CA LEU B 271 28.45 27.05 7.81
C LEU B 271 28.40 26.10 9.00
N GLY B 272 27.43 25.19 8.98
CA GLY B 272 27.44 24.08 9.93
C GLY B 272 28.79 23.37 9.89
N ALA B 273 29.21 22.83 11.02
CA ALA B 273 30.57 22.32 11.16
C ALA B 273 30.80 20.92 10.58
N LEU B 274 29.75 20.09 10.46
CA LEU B 274 29.92 18.76 9.84
C LEU B 274 29.88 18.88 8.31
N ALA B 275 30.89 18.32 7.64
CA ALA B 275 30.86 18.22 6.17
C ALA B 275 31.48 16.92 5.70
N PRO B 276 30.97 15.81 6.24
CA PRO B 276 31.53 14.54 5.84
C PRO B 276 31.27 14.27 4.38
N ILE B 277 32.26 13.65 3.75
CA ILE B 277 32.12 13.16 2.39
C ILE B 277 32.44 11.66 2.36
N ARG B 278 31.54 10.85 1.79
CA ARG B 278 31.78 9.43 1.76
C ARG B 278 31.69 8.93 0.34
N VAL B 279 32.65 8.13 -0.09
CA VAL B 279 32.60 7.44 -1.35
C VAL B 279 32.23 5.99 -1.06
N ILE B 280 31.16 5.55 -1.71
CA ILE B 280 30.65 4.21 -1.51
C ILE B 280 30.40 3.53 -2.82
N ASN B 281 30.46 2.20 -2.80
CA ASN B 281 29.88 1.41 -3.84
C ASN B 281 28.49 0.97 -3.40
N SER B 282 27.48 1.37 -4.16
CA SER B 282 26.12 1.05 -3.82
C SER B 282 25.77 -0.34 -4.21
N LEU B 283 25.11 -1.04 -3.30
CA LEU B 283 24.69 -2.40 -3.63
C LEU B 283 23.21 -2.58 -3.60
N TYR B 284 22.49 -1.48 -3.38
CA TYR B 284 21.03 -1.49 -3.35
C TYR B 284 20.51 -0.06 -3.31
N SER B 285 19.42 0.20 -4.03
CA SER B 285 18.61 1.41 -3.83
C SER B 285 17.12 1.09 -4.00
N SER B 286 16.26 1.95 -3.46
CA SER B 286 14.81 1.69 -3.43
C SER B 286 14.07 2.99 -3.24
N GLY B 287 12.76 2.91 -3.49
CA GLY B 287 11.85 4.05 -3.38
C GLY B 287 12.17 5.07 -4.40
N ASP B 288 12.26 6.31 -3.92
CA ASP B 288 12.70 7.43 -4.72
C ASP B 288 14.16 7.26 -5.17
N GLY B 289 14.86 6.29 -4.60
CA GLY B 289 16.21 5.93 -5.03
C GLY B 289 16.27 4.87 -6.14
N ASN B 290 15.12 4.44 -6.66
CA ASN B 290 15.09 3.51 -7.78
C ASN B 290 13.87 3.69 -8.66
N ARG B 291 13.92 4.74 -9.47
CA ARG B 291 12.84 5.04 -10.41
C ARG B 291 13.44 5.88 -11.55
N GLY B 292 13.33 5.37 -12.75
CA GLY B 292 13.86 6.07 -13.89
C GLY B 292 15.36 6.22 -13.77
N VAL B 293 15.82 7.45 -13.92
CA VAL B 293 17.23 7.74 -13.95
C VAL B 293 17.78 7.54 -12.53
N GLN B 294 18.92 6.88 -12.45
CA GLN B 294 19.56 6.54 -11.18
C GLN B 294 20.30 7.74 -10.60
N THR B 295 20.25 7.85 -9.27
CA THR B 295 20.94 8.89 -8.55
C THR B 295 22.44 8.56 -8.58
N ALA B 296 23.28 9.56 -8.79
CA ALA B 296 24.75 9.34 -8.84
C ALA B 296 25.45 9.73 -7.51
N ALA B 297 24.90 10.75 -6.86
CA ALA B 297 25.41 11.28 -5.61
C ALA B 297 24.33 12.14 -4.97
N TYR B 298 24.53 12.57 -3.72
CA TYR B 298 23.56 13.42 -3.03
C TYR B 298 24.14 14.12 -1.84
N ASN B 299 23.37 15.09 -1.37
CA ASN B 299 23.77 15.97 -0.29
C ASN B 299 22.55 16.02 0.63
N LEU B 300 22.71 15.51 1.83
CA LEU B 300 21.58 15.46 2.79
C LEU B 300 22.08 15.83 4.18
N PRO B 301 21.25 16.34 5.09
CA PRO B 301 19.81 16.56 4.93
C PRO B 301 19.45 17.72 4.00
N ASN B 302 18.22 17.68 3.50
CA ASN B 302 17.61 18.82 2.81
C ASN B 302 16.99 19.79 3.79
N ASP B 303 16.69 19.29 4.98
CA ASP B 303 15.97 20.06 5.99
C ASP B 303 16.87 21.18 6.54
N GLU B 304 16.49 22.43 6.24
CA GLU B 304 17.37 23.58 6.43
C GLU B 304 17.70 23.84 7.91
N ARG B 305 16.85 23.39 8.82
CA ARG B 305 17.16 23.59 10.24
C ARG B 305 18.30 22.73 10.70
N VAL B 306 18.27 21.44 10.33
CA VAL B 306 19.40 20.56 10.62
C VAL B 306 20.66 20.95 9.84
N ALA B 307 20.49 21.24 8.55
CA ALA B 307 21.61 21.66 7.72
C ALA B 307 22.24 22.97 8.21
N ALA B 308 21.44 23.96 8.58
CA ALA B 308 22.02 25.20 9.09
C ALA B 308 22.79 24.96 10.39
N GLU B 309 22.25 24.16 11.32
CA GLU B 309 22.88 24.05 12.63
C GLU B 309 24.07 23.10 12.64
N LYS B 310 24.03 22.09 11.76
CA LYS B 310 24.95 20.95 11.82
C LYS B 310 25.86 20.75 10.61
N GLY B 311 25.33 21.06 9.43
CA GLY B 311 26.01 20.85 8.17
C GLY B 311 25.29 19.76 7.39
N THR B 312 25.90 19.34 6.30
CA THR B 312 25.36 18.28 5.45
C THR B 312 26.41 17.32 4.95
N LYS B 313 25.98 16.12 4.59
CA LYS B 313 26.84 14.99 4.24
C LYS B 313 26.71 14.72 2.75
N ARG B 314 27.82 14.55 2.06
CA ARG B 314 27.81 14.38 0.64
C ARG B 314 28.22 12.96 0.42
N VAL B 315 27.47 12.28 -0.43
CA VAL B 315 27.74 10.90 -0.71
C VAL B 315 27.93 10.73 -2.23
N LEU B 317 28.33 7.85 -5.21
CA LEU B 317 28.09 6.45 -5.53
C LEU B 317 29.03 6.05 -6.71
N LYS B 318 30.25 5.65 -6.36
CA LYS B 318 31.32 5.48 -7.35
C LYS B 318 30.99 4.50 -8.43
N ASN B 319 30.50 3.35 -8.05
CA ASN B 319 30.24 2.32 -9.03
C ASN B 319 29.12 2.71 -10.00
N ILE B 320 28.13 3.43 -9.49
CA ILE B 320 27.02 3.91 -10.33
C ILE B 320 27.59 4.93 -11.31
N GLN B 321 28.43 5.82 -10.81
CA GLN B 321 29.03 6.85 -11.65
C GLN B 321 29.92 6.25 -12.75
N GLU B 322 30.66 5.21 -12.43
CA GLU B 322 31.50 4.54 -13.44
C GLU B 322 30.63 3.91 -14.53
N ALA B 323 29.49 3.36 -14.15
CA ALA B 323 28.57 2.83 -15.14
C ALA B 323 27.99 3.92 -16.02
N LYS B 324 27.60 5.05 -15.44
CA LYS B 324 27.05 6.15 -16.23
C LYS B 324 28.08 6.70 -17.20
N PHE B 325 29.31 6.83 -16.69
CA PHE B 325 30.42 7.31 -17.51
C PHE B 325 30.71 6.39 -18.68
N GLN B 326 30.93 5.12 -18.35
CA GLN B 326 31.26 4.09 -19.32
C GLN B 326 30.20 3.98 -20.39
N ARG B 327 28.97 3.73 -19.94
CA ARG B 327 27.92 3.22 -20.80
C ARG B 327 27.13 4.32 -21.48
N VAL B 328 27.21 5.54 -20.96
CA VAL B 328 26.47 6.66 -21.53
C VAL B 328 27.32 7.86 -21.93
N LEU B 329 28.10 8.41 -21.00
CA LEU B 329 28.86 9.62 -21.28
C LEU B 329 29.85 9.44 -22.45
N VAL B 330 30.61 8.35 -22.43
CA VAL B 330 31.66 8.18 -23.46
C VAL B 330 31.02 8.08 -24.86
N PRO B 331 29.97 7.24 -25.01
CA PRO B 331 29.29 7.20 -26.31
C PRO B 331 28.67 8.52 -26.73
N ILE B 332 28.13 9.28 -25.78
CA ILE B 332 27.59 10.60 -26.09
C ILE B 332 28.66 11.56 -26.58
N ALA B 333 29.80 11.60 -25.89
CA ALA B 333 30.88 12.48 -26.29
C ALA B 333 31.29 12.24 -27.77
N LYS B 334 31.16 11.03 -28.27
CA LYS B 334 31.63 10.68 -29.62
C LYS B 334 30.78 11.34 -30.72
N VAL B 335 29.58 11.76 -30.33
CA VAL B 335 28.57 12.34 -31.23
C VAL B 335 28.39 13.83 -30.93
N ALA B 336 28.52 14.20 -29.66
CA ALA B 336 28.18 15.54 -29.25
C ALA B 336 29.35 16.50 -29.40
N LEU B 337 30.56 15.97 -29.37
CA LEU B 337 31.76 16.79 -29.36
C LEU B 337 32.52 16.61 -30.67
N PRO B 338 33.23 17.66 -31.09
CA PRO B 338 34.15 17.50 -32.21
C PRO B 338 35.28 16.53 -31.88
N ALA B 339 35.77 15.83 -32.89
CA ALA B 339 36.84 14.84 -32.71
C ALA B 339 37.95 15.31 -31.80
N LYS B 340 38.38 16.56 -31.92
CA LYS B 340 39.58 16.99 -31.19
C LYS B 340 39.38 17.16 -29.68
N ASP B 341 38.13 17.33 -29.25
CA ASP B 341 37.83 17.51 -27.82
C ASP B 341 37.49 16.19 -27.10
N ARG B 342 37.28 15.11 -27.86
CA ARG B 342 36.89 13.83 -27.26
C ARG B 342 37.93 13.27 -26.27
N LYS B 343 39.21 13.59 -26.46
CA LYS B 343 40.23 13.13 -25.52
C LYS B 343 40.21 13.91 -24.20
N ASP B 344 39.51 15.05 -24.18
CA ASP B 344 39.38 15.85 -22.98
C ASP B 344 38.18 15.47 -22.08
N VAL B 345 37.52 14.36 -22.38
CA VAL B 345 36.46 13.80 -21.52
C VAL B 345 37.09 12.74 -20.61
N SER B 346 37.02 12.95 -19.30
CA SER B 346 37.69 12.04 -18.38
C SER B 346 36.80 11.71 -17.16
N PHE B 347 36.91 10.49 -16.67
CA PHE B 347 36.17 10.13 -15.44
C PHE B 347 36.57 10.99 -14.23
N ASP B 348 37.85 11.30 -14.12
CA ASP B 348 38.29 12.24 -13.07
C ASP B 348 37.53 13.58 -13.10
N ALA B 349 37.30 14.12 -14.29
CA ALA B 349 36.55 15.37 -14.40
C ALA B 349 35.07 15.20 -14.06
N PHE B 350 34.50 14.10 -14.52
CA PHE B 350 33.09 13.82 -14.33
C PHE B 350 32.83 13.68 -12.83
N PHE B 351 33.59 12.81 -12.20
CA PHE B 351 33.52 12.51 -10.78
C PHE B 351 33.69 13.73 -9.93
N THR B 352 34.75 14.47 -10.22
CA THR B 352 35.07 15.69 -9.51
C THR B 352 33.95 16.71 -9.60
N HIS B 353 33.39 16.86 -10.76
CA HIS B 353 32.33 17.82 -10.88
C HIS B 353 31.10 17.37 -10.09
N ILE B 354 30.80 16.09 -10.09
CA ILE B 354 29.66 15.60 -9.33
C ILE B 354 29.92 15.94 -7.86
N LEU B 355 31.16 15.71 -7.41
CA LEU B 355 31.51 16.09 -6.04
C LEU B 355 31.23 17.57 -5.82
N HIS B 357 29.30 19.60 -7.32
CA HIS B 357 27.86 19.79 -7.31
C HIS B 357 27.27 19.51 -5.90
N GLU B 358 27.62 18.37 -5.32
CA GLU B 358 27.06 18.03 -3.98
C GLU B 358 27.59 18.97 -2.90
N LEU B 359 28.85 19.36 -3.00
CA LEU B 359 29.41 20.36 -2.08
C LEU B 359 28.66 21.66 -2.13
N HIS B 361 25.57 22.25 -3.29
CA HIS B 361 24.21 22.14 -2.74
C HIS B 361 24.17 22.72 -1.31
N GLY B 362 25.23 22.53 -0.54
CA GLY B 362 25.23 22.94 0.86
C GLY B 362 25.63 24.39 1.09
N LEU B 363 25.97 25.09 0.00
CA LEU B 363 26.42 26.48 0.06
C LEU B 363 25.42 27.43 -0.67
N GLY B 364 25.57 28.72 -0.50
CA GLY B 364 24.62 29.67 -1.07
C GLY B 364 23.39 29.87 -0.18
N PRO B 365 22.47 30.74 -0.59
CA PRO B 365 21.30 31.01 0.21
C PRO B 365 20.39 29.79 0.45
N HIS B 366 19.91 29.65 1.68
CA HIS B 366 18.99 28.59 2.10
C HIS B 366 17.94 29.21 3.03
N ASN B 367 18.33 29.63 4.21
CA ASN B 367 17.39 30.29 5.12
C ASN B 367 17.43 31.75 4.76
N VAL B 368 16.28 32.32 4.44
CA VAL B 368 16.18 33.70 4.02
C VAL B 368 14.95 34.41 4.54
N THR B 369 15.02 35.72 4.59
CA THR B 369 13.89 36.53 5.04
C THR B 369 13.30 37.22 3.84
N VAL B 370 12.06 36.91 3.53
CA VAL B 370 11.36 37.48 2.41
C VAL B 370 10.09 38.21 2.85
N ALA B 371 9.95 39.47 2.46
CA ALA B 371 8.83 40.31 2.86
C ALA B 371 8.53 40.26 4.35
N GLY B 372 9.57 40.38 5.18
CA GLY B 372 9.40 40.34 6.61
C GLY B 372 9.13 39.01 7.28
N LYS B 373 9.12 37.91 6.52
CA LYS B 373 8.91 36.62 7.15
C LYS B 373 10.11 35.75 6.94
N GLN B 374 10.54 35.02 7.94
CA GLN B 374 11.68 34.13 7.75
C GLN B 374 11.16 32.87 7.10
N THR B 375 11.83 32.45 6.03
CA THR B 375 11.43 31.29 5.27
C THR B 375 12.68 30.61 4.68
N THR B 376 12.50 29.82 3.64
CA THR B 376 13.61 29.18 3.00
C THR B 376 13.48 29.38 1.52
N VAL B 377 14.59 29.36 0.82
CA VAL B 377 14.62 29.47 -0.61
C VAL B 377 13.65 28.45 -1.24
N ARG B 378 13.68 27.23 -0.76
CA ARG B 378 12.81 26.18 -1.26
C ARG B 378 11.34 26.53 -1.07
N GLN B 379 10.98 26.91 0.14
CA GLN B 379 9.62 27.30 0.43
C GLN B 379 9.15 28.47 -0.48
N ALA B 380 10.01 29.45 -0.68
CA ALA B 380 9.69 30.58 -1.51
C ALA B 380 9.47 30.25 -2.97
N LEU B 381 10.29 29.38 -3.53
CA LEU B 381 10.27 29.07 -4.95
C LEU B 381 9.28 27.95 -5.31
N GLN B 382 8.83 27.21 -4.29
CA GLN B 382 7.80 26.18 -4.51
C GLN B 382 8.26 25.21 -5.58
N ALA B 383 7.40 24.88 -6.55
CA ALA B 383 7.72 23.88 -7.58
C ALA B 383 8.88 24.29 -8.47
N SER B 384 9.20 25.57 -8.52
CA SER B 384 10.38 26.01 -9.25
C SER B 384 11.72 25.78 -8.52
N SER B 385 11.67 25.40 -7.25
CA SER B 385 12.89 25.41 -6.44
C SER B 385 13.86 24.32 -6.88
N SER B 386 13.33 23.17 -7.29
CA SER B 386 14.18 22.01 -7.62
C SER B 386 15.08 22.26 -8.83
N ALA B 387 14.50 22.76 -9.91
CA ALA B 387 15.25 23.02 -11.10
C ALA B 387 16.27 24.11 -10.87
N ILE B 388 15.86 25.17 -10.23
CA ILE B 388 16.77 26.25 -9.93
C ILE B 388 17.94 25.73 -9.08
N GLU B 389 17.66 24.95 -8.06
CA GLU B 389 18.73 24.46 -7.20
C GLU B 389 19.72 23.52 -7.88
N GLU B 390 19.23 22.67 -8.77
CA GLU B 390 20.08 21.75 -9.49
C GLU B 390 20.99 22.56 -10.42
N ALA B 391 20.40 23.58 -11.02
CA ALA B 391 21.18 24.47 -11.89
C ALA B 391 22.29 25.15 -11.08
N LYS B 392 21.92 25.68 -9.94
CA LYS B 392 22.85 26.33 -9.04
C LYS B 392 23.99 25.43 -8.64
N ALA B 393 23.67 24.23 -8.20
CA ALA B 393 24.67 23.28 -7.79
C ALA B 393 25.62 22.95 -8.95
N ASP B 394 25.10 22.63 -10.12
CA ASP B 394 25.91 22.31 -11.23
C ASP B 394 26.85 23.48 -11.62
N ILE B 395 26.29 24.67 -11.81
CA ILE B 395 27.04 25.83 -12.26
C ILE B 395 28.00 26.33 -11.22
N SER B 396 27.60 26.42 -9.95
CA SER B 396 28.51 26.81 -8.88
C SER B 396 29.56 25.72 -8.60
N GLY B 397 29.26 24.48 -8.95
CA GLY B 397 30.20 23.42 -8.88
C GLY B 397 31.36 23.72 -9.79
N LEU B 398 31.08 24.14 -11.01
CA LEU B 398 32.14 24.49 -11.95
C LEU B 398 32.94 25.68 -11.42
N TRP B 399 32.23 26.64 -10.86
CA TRP B 399 32.80 27.81 -10.30
C TRP B 399 33.81 27.43 -9.22
N ALA B 400 33.41 26.51 -8.36
CA ALA B 400 34.26 26.06 -7.26
C ALA B 400 35.37 25.14 -7.76
N LEU B 401 35.11 24.34 -8.78
CA LEU B 401 36.12 23.45 -9.35
C LEU B 401 37.26 24.30 -9.90
N GLN B 402 36.90 25.38 -10.59
CA GLN B 402 37.91 26.29 -11.15
C GLN B 402 38.73 26.90 -10.01
N ARG B 403 38.06 27.38 -8.98
CA ARG B 403 38.76 27.98 -7.84
C ARG B 403 39.75 27.02 -7.19
N LEU B 404 39.37 25.75 -7.08
CA LEU B 404 40.20 24.77 -6.39
C LEU B 404 41.34 24.26 -7.28
N VAL B 405 41.14 24.27 -8.59
CA VAL B 405 42.29 24.05 -9.50
C VAL B 405 43.27 25.23 -9.40
N ASP B 406 42.72 26.44 -9.35
CA ASP B 406 43.56 27.63 -9.27
C ASP B 406 44.41 27.63 -8.01
N LYS B 407 43.86 27.20 -6.88
CA LYS B 407 44.63 27.19 -5.63
C LYS B 407 45.54 25.96 -5.47
N GLY B 408 45.43 24.99 -6.37
CA GLY B 408 46.27 23.77 -6.35
C GLY B 408 45.66 22.61 -5.55
N THR B 409 44.47 22.80 -5.01
CA THR B 409 43.81 21.71 -4.26
C THR B 409 43.35 20.61 -5.22
N LEU B 410 43.00 20.99 -6.45
CA LEU B 410 42.64 20.04 -7.50
C LEU B 410 43.77 20.01 -8.53
N ASP B 411 43.96 18.86 -9.19
CA ASP B 411 45.02 18.65 -10.20
C ASP B 411 44.92 19.59 -11.42
N LYS B 412 46.05 20.09 -11.97
CA LYS B 412 45.95 21.04 -13.08
C LYS B 412 45.39 20.39 -14.35
N GLU B 413 45.50 19.07 -14.47
CA GLU B 413 44.90 18.35 -15.59
C GLU B 413 43.40 18.63 -15.75
N LEU B 414 42.74 18.98 -14.65
CA LEU B 414 41.33 19.33 -14.70
C LEU B 414 41.07 20.64 -15.45
N GLN B 415 42.11 21.47 -15.64
CA GLN B 415 41.97 22.66 -16.51
C GLN B 415 41.61 22.28 -17.95
N ARG B 416 42.13 21.15 -18.41
CA ARG B 416 41.89 20.67 -19.76
C ARG B 416 40.59 19.85 -19.89
N THR B 417 40.20 19.16 -18.82
CA THR B 417 39.06 18.22 -18.92
C THR B 417 37.73 18.70 -18.34
N TYR B 419 35.58 21.39 -18.42
CA TYR B 419 34.45 21.99 -19.12
C TYR B 419 33.97 21.08 -20.27
N THR B 420 34.89 20.43 -20.96
CA THR B 420 34.52 19.54 -22.03
C THR B 420 33.79 18.31 -21.54
N THR B 421 34.21 17.77 -20.40
CA THR B 421 33.48 16.66 -19.79
C THR B 421 32.08 17.14 -19.38
N PHE B 422 32.01 18.33 -18.80
CA PHE B 422 30.71 18.90 -18.39
C PHE B 422 29.80 19.09 -19.61
N LEU B 423 30.37 19.59 -20.71
CA LEU B 423 29.58 19.79 -21.91
C LEU B 423 29.01 18.46 -22.45
N ALA B 424 29.84 17.42 -22.58
CA ALA B 424 29.28 16.13 -22.93
C ALA B 424 28.15 15.70 -21.98
N SER B 425 28.35 15.94 -20.69
CA SER B 425 27.38 15.48 -19.71
C SER B 425 26.11 16.30 -19.75
N ALA B 426 26.15 17.52 -20.32
CA ALA B 426 24.95 18.33 -20.46
C ALA B 426 23.97 17.62 -21.36
N PHE B 427 24.49 16.96 -22.39
CA PHE B 427 23.65 16.19 -23.30
C PHE B 427 23.15 14.94 -22.58
N ARG B 428 24.00 14.31 -21.78
CA ARG B 428 23.57 13.21 -20.95
C ARG B 428 22.35 13.61 -20.13
N SER B 429 22.42 14.74 -19.42
CA SER B 429 21.39 15.10 -18.41
C SER B 429 20.09 15.58 -19.04
N ILE B 430 20.23 16.29 -20.14
CA ILE B 430 19.06 16.84 -20.81
C ILE B 430 18.17 15.72 -21.39
N ARG B 431 18.77 14.57 -21.68
CA ARG B 431 18.01 13.39 -22.06
C ARG B 431 17.22 12.74 -20.91
N PHE B 432 17.42 13.17 -19.67
CA PHE B 432 16.55 12.74 -18.56
C PHE B 432 15.14 13.30 -18.71
N GLY B 433 15.04 14.43 -19.40
CA GLY B 433 13.76 14.98 -19.76
C GLY B 433 13.73 16.40 -19.30
N ILE B 434 13.07 17.25 -20.08
CA ILE B 434 13.08 18.68 -19.82
C ILE B 434 12.22 19.07 -18.62
N ASP B 435 11.33 18.16 -18.24
CA ASP B 435 10.52 18.32 -17.01
C ASP B 435 11.19 17.79 -15.73
N GLU B 436 12.30 17.09 -15.90
CA GLU B 436 13.07 16.53 -14.79
C GLU B 436 14.01 17.62 -14.27
N ALA B 437 14.15 17.74 -12.97
CA ALA B 437 14.91 18.83 -12.38
C ALA B 437 16.33 18.99 -12.90
N HIS B 438 17.06 17.91 -12.97
CA HIS B 438 18.42 17.98 -13.49
C HIS B 438 18.41 18.37 -15.00
N GLY B 439 17.56 17.69 -15.76
CA GLY B 439 17.41 17.96 -17.17
C GLY B 439 17.07 19.43 -17.42
N LYS B 440 16.02 19.93 -16.79
CA LYS B 440 15.65 21.31 -16.95
C LYS B 440 16.76 22.25 -16.52
N GLY B 441 17.42 21.96 -15.41
CA GLY B 441 18.45 22.86 -14.92
C GLY B 441 19.64 22.90 -15.86
N ILE B 442 19.93 21.79 -16.53
CA ILE B 442 21.07 21.69 -17.44
C ILE B 442 20.77 22.41 -18.76
N ALA B 443 19.54 22.29 -19.25
CA ALA B 443 19.06 23.12 -20.38
C ALA B 443 19.24 24.64 -20.18
N LEU B 444 18.92 25.13 -18.99
CA LEU B 444 19.09 26.52 -18.62
C LEU B 444 20.58 26.96 -18.66
N GLN B 445 21.45 26.14 -18.09
CA GLN B 445 22.90 26.35 -18.16
C GLN B 445 23.41 26.33 -19.58
N LEU B 446 23.05 25.31 -20.33
CA LEU B 446 23.57 25.16 -21.68
C LEU B 446 23.15 26.35 -22.58
N ASN B 447 21.87 26.71 -22.53
CA ASN B 447 21.37 27.95 -23.14
C ASN B 447 22.12 29.20 -22.71
N HIS B 448 22.34 29.35 -21.40
CA HIS B 448 23.23 30.39 -20.90
C HIS B 448 24.60 30.38 -21.60
N PHE B 449 25.19 29.19 -21.79
CA PHE B 449 26.52 29.10 -22.40
C PHE B 449 26.48 29.58 -23.87
N LEU B 450 25.44 29.15 -24.59
CA LEU B 450 25.23 29.59 -25.97
C LEU B 450 25.01 31.11 -26.04
N ASP B 451 24.15 31.63 -25.17
CA ASP B 451 23.85 33.04 -25.21
C ASP B 451 25.01 33.95 -24.77
N THR B 452 26.01 33.40 -24.08
CA THR B 452 27.20 34.15 -23.67
C THR B 452 28.47 33.84 -24.48
N GLY B 453 28.34 33.01 -25.51
CA GLY B 453 29.50 32.56 -26.29
C GLY B 453 30.48 31.63 -25.59
N ALA B 454 30.08 30.99 -24.49
CA ALA B 454 30.98 30.04 -23.77
C ALA B 454 30.96 28.62 -24.32
N VAL B 455 29.95 28.32 -25.14
CA VAL B 455 29.92 27.12 -25.96
C VAL B 455 29.40 27.56 -27.31
N LYS B 456 29.82 26.87 -28.38
CA LYS B 456 29.33 27.18 -29.71
C LYS B 456 28.91 25.91 -30.42
N VAL B 457 28.04 26.09 -31.41
CA VAL B 457 27.63 25.01 -32.27
C VAL B 457 28.49 24.97 -33.54
N ASN B 458 29.08 23.82 -33.85
CA ASN B 458 29.80 23.65 -35.11
C ASN B 458 28.87 23.18 -36.24
N ALA B 459 29.41 23.10 -37.45
CA ALA B 459 28.60 22.82 -38.63
C ALA B 459 28.38 21.33 -38.83
N ASP B 460 29.22 20.50 -38.24
CA ASP B 460 28.90 19.08 -38.23
C ASP B 460 27.83 18.74 -37.19
N GLY B 461 27.28 19.74 -36.51
CA GLY B 461 26.27 19.51 -35.44
C GLY B 461 26.83 19.47 -34.02
N THR B 462 28.13 19.21 -33.91
CA THR B 462 28.78 19.01 -32.60
C THR B 462 28.85 20.34 -31.83
N PHE B 463 29.05 20.30 -30.52
CA PHE B 463 29.16 21.52 -29.70
C PHE B 463 30.57 21.57 -29.11
N GLU B 464 31.08 22.75 -28.77
CA GLU B 464 32.41 22.89 -28.13
C GLU B 464 32.59 24.09 -27.20
N VAL B 465 33.41 23.89 -26.16
CA VAL B 465 33.65 24.94 -25.20
C VAL B 465 34.57 25.94 -25.88
N VAL B 466 34.34 27.20 -25.54
CA VAL B 466 35.15 28.32 -25.98
C VAL B 466 35.81 28.86 -24.71
N PRO B 467 37.02 28.38 -24.40
CA PRO B 467 37.58 28.55 -23.05
C PRO B 467 37.66 29.97 -22.55
N ASP B 468 37.96 30.91 -23.45
CA ASP B 468 38.26 32.27 -23.00
C ASP B 468 36.99 32.97 -22.53
N LYS B 469 35.82 32.39 -22.79
CA LYS B 469 34.59 32.97 -22.27
C LYS B 469 33.97 32.13 -21.13
N GLN B 471 34.89 30.92 -18.04
CA GLN B 471 34.92 31.22 -16.62
C GLN B 471 33.97 32.34 -16.24
N ALA B 472 33.86 33.38 -17.08
CA ALA B 472 33.02 34.54 -16.73
C ALA B 472 31.53 34.19 -16.84
N SER B 473 31.22 33.33 -17.80
CA SER B 473 29.86 32.81 -18.03
C SER B 473 29.37 31.97 -16.83
N VAL B 474 30.23 31.07 -16.37
CA VAL B 474 30.01 30.29 -15.16
C VAL B 474 29.75 31.21 -13.97
N THR B 475 30.59 32.23 -13.80
CA THR B 475 30.43 33.16 -12.70
C THR B 475 29.15 33.99 -12.78
N SER B 476 28.77 34.45 -13.97
CA SER B 476 27.54 35.21 -14.13
C SER B 476 26.25 34.44 -13.74
N LEU B 477 26.12 33.20 -14.20
CA LEU B 477 24.94 32.36 -13.90
C LEU B 477 24.89 31.98 -12.40
N THR B 478 26.04 31.65 -11.86
CA THR B 478 26.17 31.50 -10.40
C THR B 478 25.60 32.69 -9.67
N ASN B 479 25.97 33.90 -10.10
CA ASN B 479 25.43 35.14 -9.49
C ASN B 479 23.93 35.33 -9.70
N GLN B 480 23.47 35.13 -10.94
CA GLN B 480 22.04 35.20 -11.29
C GLN B 480 21.15 34.25 -10.44
N LEU B 481 21.53 32.97 -10.39
CA LEU B 481 20.73 31.94 -9.73
C LEU B 481 20.68 32.13 -8.22
N SER B 483 21.29 34.91 -6.61
CA SER B 483 20.63 36.19 -6.22
C SER B 483 19.11 36.10 -6.27
N LEU B 484 18.61 35.42 -7.29
CA LEU B 484 17.19 35.12 -7.45
C LEU B 484 16.70 34.29 -6.25
N GLN B 485 17.51 33.31 -5.84
CA GLN B 485 17.19 32.48 -4.68
C GLN B 485 17.13 33.31 -3.41
N ALA B 486 18.17 34.10 -3.18
CA ALA B 486 18.24 34.97 -2.02
C ALA B 486 17.00 35.87 -1.90
N LYS B 487 16.53 36.37 -3.03
CA LYS B 487 15.35 37.24 -3.10
C LYS B 487 14.05 36.45 -2.87
N GLY B 488 14.11 35.13 -3.03
CA GLY B 488 12.90 34.29 -2.86
C GLY B 488 11.95 34.58 -3.99
N ASP B 489 12.50 34.84 -5.16
CA ASP B 489 11.72 35.47 -6.23
C ASP B 489 11.15 34.39 -7.10
N ARG B 490 10.00 33.87 -6.68
CA ARG B 490 9.38 32.76 -7.37
C ARG B 490 9.03 33.17 -8.79
N ALA B 491 8.51 34.39 -9.00
CA ALA B 491 8.06 34.78 -10.34
C ALA B 491 9.24 34.81 -11.30
N ALA B 492 10.38 35.31 -10.84
CA ALA B 492 11.59 35.36 -11.66
C ALA B 492 12.04 33.95 -12.03
N ALA B 493 12.03 33.06 -11.04
CA ALA B 493 12.42 31.65 -11.24
C ALA B 493 11.52 30.98 -12.24
N GLU B 494 10.21 31.12 -12.06
CA GLU B 494 9.25 30.57 -13.04
C GLU B 494 9.51 31.02 -14.50
N GLU B 495 9.75 32.33 -14.67
CA GLU B 495 9.95 32.97 -15.98
C GLU B 495 11.24 32.47 -16.63
N LEU B 496 12.31 32.45 -15.83
CA LEU B 496 13.58 31.91 -16.30
C LEU B 496 13.44 30.44 -16.74
N LEU B 497 12.81 29.59 -15.93
CA LEU B 497 12.66 28.19 -16.38
C LEU B 497 11.77 28.04 -17.60
N ALA B 498 10.73 28.87 -17.69
CA ALA B 498 9.81 28.86 -18.84
C ALA B 498 10.52 29.29 -20.13
N LYS B 499 11.39 30.29 -20.04
CA LYS B 499 12.12 30.81 -21.21
C LYS B 499 13.40 30.05 -21.54
N GLN B 500 14.21 29.67 -20.54
CA GLN B 500 15.54 29.05 -20.77
C GLN B 500 15.63 27.55 -20.44
N GLY B 501 14.63 27.05 -19.72
CA GLY B 501 14.53 25.63 -19.38
C GLY B 501 13.95 24.79 -20.49
N VAL B 502 14.49 24.94 -21.70
CA VAL B 502 13.98 24.27 -22.88
C VAL B 502 15.12 23.74 -23.72
N VAL B 503 14.77 22.85 -24.65
CA VAL B 503 15.68 22.24 -25.58
C VAL B 503 15.64 23.04 -26.87
N ARG B 504 16.74 23.72 -27.15
CA ARG B 504 16.85 24.52 -28.37
C ARG B 504 17.12 23.58 -29.53
N PRO B 505 16.77 24.00 -30.76
CA PRO B 505 16.77 23.04 -31.88
C PRO B 505 18.16 22.49 -32.23
N SER B 506 19.22 23.24 -31.95
CA SER B 506 20.61 22.71 -32.15
C SER B 506 20.88 21.53 -31.21
N VAL B 507 20.30 21.60 -30.01
CA VAL B 507 20.47 20.54 -29.01
C VAL B 507 19.64 19.33 -29.41
N GLN B 508 18.36 19.56 -29.75
CA GLN B 508 17.53 18.49 -30.27
C GLN B 508 18.19 17.75 -31.43
N LYS B 509 18.91 18.47 -32.28
CA LYS B 509 19.60 17.79 -33.38
C LYS B 509 20.59 16.75 -32.88
N VAL B 510 21.30 17.07 -31.80
CA VAL B 510 22.27 16.13 -31.26
C VAL B 510 21.52 14.96 -30.64
N LEU B 511 20.42 15.27 -29.97
CA LEU B 511 19.62 14.25 -29.30
C LEU B 511 19.07 13.24 -30.28
N GLU B 512 18.77 13.66 -31.52
CA GLU B 512 18.33 12.69 -32.52
C GLU B 512 19.40 11.72 -32.98
N LYS B 513 20.67 12.12 -32.96
CA LYS B 513 21.77 11.21 -33.29
C LYS B 513 22.18 10.28 -32.16
N LEU B 514 21.51 10.42 -31.01
CA LEU B 514 21.84 9.65 -29.81
C LEU B 514 20.73 8.63 -29.45
N LYS B 515 19.82 8.39 -30.39
CA LYS B 515 18.68 7.47 -30.16
C LYS B 515 19.12 6.02 -29.97
N ASN B 516 20.34 5.72 -30.37
CA ASN B 516 20.93 4.40 -30.30
C ASN B 516 21.77 4.18 -29.01
N VAL B 517 21.89 5.23 -28.21
CA VAL B 517 22.76 5.23 -27.04
C VAL B 517 21.83 5.25 -25.80
N PRO B 518 22.12 4.41 -24.79
CA PRO B 518 21.24 4.40 -23.59
C PRO B 518 21.22 5.76 -22.90
N VAL B 519 20.12 6.06 -22.20
CA VAL B 519 19.96 7.33 -21.49
C VAL B 519 20.53 7.22 -20.07
N ASP B 520 20.34 6.04 -19.48
CA ASP B 520 20.87 5.77 -18.16
C ASP B 520 20.94 4.28 -17.92
N ILE B 521 20.84 3.80 -16.67
CA ILE B 521 21.06 2.41 -16.39
C ILE B 521 19.90 1.80 -15.62
N GLU B 522 19.76 0.49 -15.73
CA GLU B 522 18.84 -0.29 -14.89
C GLU B 522 19.62 -1.26 -14.00
N PRO B 523 19.80 -0.90 -12.72
CA PRO B 523 20.59 -1.79 -11.87
C PRO B 523 19.85 -3.10 -11.57
N ARG B 524 20.54 -4.23 -11.55
CA ARG B 524 20.00 -5.44 -10.93
C ARG B 524 20.94 -5.72 -9.81
N TYR B 525 20.41 -5.69 -8.60
CA TYR B 525 21.24 -5.62 -7.41
C TYR B 525 21.54 -7.05 -6.96
N VAL B 526 22.46 -7.70 -7.67
CA VAL B 526 22.66 -9.14 -7.52
C VAL B 526 23.31 -9.49 -6.19
N THR B 527 24.14 -8.60 -5.66
CA THR B 527 24.77 -8.86 -4.41
C THR B 527 23.77 -8.65 -3.28
N ALA B 528 22.96 -7.61 -3.39
CA ALA B 528 21.92 -7.42 -2.37
C ALA B 528 20.96 -8.61 -2.32
N GLU B 529 20.55 -9.11 -3.48
CA GLU B 529 19.70 -10.30 -3.50
C GLU B 529 20.33 -11.48 -2.78
N SER B 530 21.61 -11.70 -2.99
CA SER B 530 22.28 -12.85 -2.39
C SER B 530 22.55 -12.65 -0.88
N LEU B 531 22.86 -11.43 -0.47
CA LEU B 531 23.01 -11.14 0.94
C LEU B 531 21.77 -11.50 1.72
N VAL B 532 20.61 -11.10 1.22
CA VAL B 532 19.37 -11.33 1.92
C VAL B 532 19.06 -12.82 1.95
N LYS B 533 19.28 -13.53 0.85
CA LYS B 533 19.08 -14.99 0.86
C LYS B 533 20.04 -15.68 1.83
N ASP B 534 21.30 -15.26 1.89
CA ASP B 534 22.30 -16.00 2.65
C ASP B 534 22.41 -15.61 4.11
N PHE B 535 22.06 -14.36 4.45
CA PHE B 535 22.42 -13.85 5.78
C PHE B 535 21.25 -13.27 6.54
N GLY B 536 20.04 -13.39 5.99
CA GLY B 536 18.90 -12.58 6.40
C GLY B 536 18.04 -13.05 7.55
N ALA B 537 18.35 -14.23 8.12
CA ALA B 537 17.69 -14.70 9.35
C ALA B 537 18.50 -15.80 10.03
#